data_8ZT3
#
_entry.id   8ZT3
#
_cell.length_a   50.760
_cell.length_b   64.396
_cell.length_c   93.121
_cell.angle_alpha   108.543
_cell.angle_beta   90.803
_cell.angle_gamma   90.006
#
_symmetry.space_group_name_H-M   'P 1'
#
loop_
_entity.id
_entity.type
_entity.pdbx_description
1 polymer 'GNAT family transferase'
2 non-polymer 'CHLORIDE ION'
3 water water
#
_entity_poly.entity_id   1
_entity_poly.type   'polypeptide(L)'
_entity_poly.pdbx_seq_one_letter_code
;MGSSHHHHHHSSGLVPRGSHMADTRIPAGEATAAWQWEVSRDTGEVHAMLCACDAHQAAASGTSAPARRMETTEHRVRSG
SVHLLRHDGRPAGMFTLTWDPPFAADEGAFPPAERPLYLSRLAVAPEWLTGGSLVGLRCLRRAIETAAQAGGDALRSEAN
PDLSATRSLLDILGFVQHGPTLSDGQGRRRVHLHKSLRPASPGPGGED
;
_entity_poly.pdbx_strand_id   D,A,B,C,E,F
#
# COMPACT_ATOMS: atom_id res chain seq x y z
N ASP A 23 -9.62 -31.46 40.91
CA ASP A 23 -9.39 -32.75 40.26
C ASP A 23 -9.95 -32.76 38.85
N THR A 24 -9.22 -32.14 37.92
CA THR A 24 -9.66 -32.01 36.54
C THR A 24 -9.22 -33.22 35.72
N ARG A 25 -10.13 -33.71 34.88
CA ARG A 25 -9.90 -34.88 34.04
C ARG A 25 -10.14 -34.51 32.59
N ILE A 26 -9.08 -34.18 31.86
CA ILE A 26 -9.19 -33.92 30.42
C ILE A 26 -9.15 -35.26 29.68
N PRO A 27 -10.11 -35.53 28.80
CA PRO A 27 -10.13 -36.82 28.09
C PRO A 27 -9.00 -36.90 27.08
N ALA A 28 -8.16 -37.92 27.23
CA ALA A 28 -7.10 -38.18 26.27
C ALA A 28 -7.54 -39.25 25.27
N GLY A 29 -6.69 -40.22 24.99
CA GLY A 29 -7.02 -41.28 24.07
C GLY A 29 -6.75 -40.91 22.61
N GLU A 30 -6.56 -41.94 21.78
CA GLU A 30 -6.27 -41.71 20.37
C GLU A 30 -7.47 -41.18 19.61
N ALA A 31 -8.69 -41.54 20.02
CA ALA A 31 -9.89 -41.05 19.35
C ALA A 31 -10.01 -39.54 19.46
N THR A 32 -9.74 -38.99 20.65
CA THR A 32 -9.72 -37.53 20.81
C THR A 32 -8.59 -36.92 20.01
N ALA A 33 -7.39 -37.49 20.08
CA ALA A 33 -6.23 -36.94 19.40
C ALA A 33 -6.34 -37.02 17.88
N ALA A 34 -7.31 -37.77 17.35
CA ALA A 34 -7.50 -37.82 15.91
C ALA A 34 -7.92 -36.46 15.34
N TRP A 35 -8.45 -35.56 16.16
CA TRP A 35 -8.86 -34.23 15.73
C TRP A 35 -7.79 -33.22 16.10
N GLN A 36 -7.29 -32.48 15.11
CA GLN A 36 -6.20 -31.53 15.33
C GLN A 36 -6.50 -30.21 14.63
N TRP A 37 -6.40 -29.10 15.37
CA TRP A 37 -6.54 -27.77 14.79
C TRP A 37 -5.17 -27.23 14.39
N GLU A 38 -5.16 -26.40 13.35
CA GLU A 38 -3.93 -25.78 12.89
C GLU A 38 -4.25 -24.46 12.21
N VAL A 39 -3.25 -23.59 12.15
CA VAL A 39 -3.27 -22.43 11.27
C VAL A 39 -2.74 -22.88 9.91
N SER A 40 -3.59 -22.81 8.89
CA SER A 40 -3.28 -23.42 7.61
C SER A 40 -2.15 -22.69 6.90
N ARG A 41 -1.32 -23.46 6.21
CA ARG A 41 -0.28 -22.91 5.34
C ARG A 41 -0.31 -23.51 3.94
N ASP A 42 -1.33 -24.29 3.61
CA ASP A 42 -1.44 -24.96 2.32
C ASP A 42 -2.59 -24.33 1.56
N THR A 43 -2.28 -23.55 0.52
CA THR A 43 -3.30 -22.82 -0.21
C THR A 43 -4.18 -23.76 -1.03
N GLY A 44 -3.56 -24.70 -1.75
CA GLY A 44 -4.34 -25.61 -2.57
C GLY A 44 -5.29 -26.47 -1.77
N GLU A 45 -4.85 -26.93 -0.60
CA GLU A 45 -5.70 -27.73 0.27
C GLU A 45 -6.91 -26.93 0.73
N VAL A 46 -6.69 -25.69 1.16
CA VAL A 46 -7.77 -24.82 1.61
C VAL A 46 -8.77 -24.58 0.49
N HIS A 47 -8.26 -24.26 -0.71
CA HIS A 47 -9.15 -23.96 -1.82
C HIS A 47 -9.95 -25.19 -2.24
N ALA A 48 -9.31 -26.37 -2.23
CA ALA A 48 -10.02 -27.59 -2.58
C ALA A 48 -11.13 -27.90 -1.59
N MET A 49 -10.83 -27.77 -0.29
CA MET A 49 -11.84 -27.95 0.75
C MET A 49 -13.02 -27.00 0.54
N LEU A 50 -12.71 -25.71 0.33
CA LEU A 50 -13.76 -24.70 0.16
C LEU A 50 -14.63 -25.03 -1.04
N CYS A 51 -14.02 -25.36 -2.18
CA CYS A 51 -14.80 -25.61 -3.39
C CYS A 51 -15.60 -26.91 -3.30
N ALA A 52 -15.06 -27.93 -2.63
CA ALA A 52 -15.82 -29.16 -2.45
C ALA A 52 -17.06 -28.90 -1.59
N CYS A 53 -16.89 -28.18 -0.48
CA CYS A 53 -18.04 -27.83 0.34
C CYS A 53 -19.03 -26.97 -0.44
N ASP A 54 -18.53 -26.05 -1.25
CA ASP A 54 -19.41 -25.21 -2.05
C ASP A 54 -20.25 -26.05 -3.00
N ALA A 55 -19.62 -27.00 -3.70
CA ALA A 55 -20.35 -27.85 -4.63
C ALA A 55 -21.40 -28.68 -3.90
N HIS A 56 -21.04 -29.25 -2.75
CA HIS A 56 -22.01 -30.06 -2.00
C HIS A 56 -23.22 -29.22 -1.59
N GLN A 57 -22.97 -28.05 -1.00
CA GLN A 57 -24.08 -27.23 -0.52
C GLN A 57 -24.92 -26.66 -1.65
N ALA A 58 -24.28 -26.32 -2.79
CA ALA A 58 -25.04 -25.83 -3.93
C ALA A 58 -25.92 -26.93 -4.52
N ALA A 59 -25.41 -28.16 -4.60
CA ALA A 59 -26.26 -29.26 -5.04
C ALA A 59 -27.40 -29.52 -4.07
N ALA A 60 -27.13 -29.41 -2.76
CA ALA A 60 -28.15 -29.74 -1.78
C ALA A 60 -29.22 -28.66 -1.65
N SER A 61 -28.90 -27.42 -2.01
CA SER A 61 -29.83 -26.32 -1.83
C SER A 61 -30.42 -25.80 -3.13
N GLY A 62 -30.10 -26.42 -4.27
CA GLY A 62 -30.62 -25.94 -5.53
C GLY A 62 -30.06 -24.61 -5.98
N THR A 63 -28.92 -24.21 -5.45
CA THR A 63 -28.26 -22.96 -5.82
C THR A 63 -27.01 -23.27 -6.65
N SER A 64 -26.35 -22.21 -7.11
CA SER A 64 -25.09 -22.32 -7.82
C SER A 64 -23.96 -21.90 -6.90
N ALA A 65 -22.85 -22.64 -6.95
CA ALA A 65 -21.73 -22.37 -6.07
C ALA A 65 -21.11 -21.01 -6.41
N PRO A 66 -20.70 -20.24 -5.41
CA PRO A 66 -20.07 -18.95 -5.70
C PRO A 66 -18.71 -19.12 -6.34
N ALA A 67 -18.30 -18.11 -7.10
CA ALA A 67 -16.99 -18.10 -7.75
C ALA A 67 -15.94 -17.73 -6.71
N ARG A 68 -15.06 -18.68 -6.38
CA ARG A 68 -14.04 -18.46 -5.37
C ARG A 68 -12.74 -18.00 -6.01
N ARG A 69 -12.09 -17.04 -5.39
CA ARG A 69 -10.84 -16.47 -5.88
C ARG A 69 -9.66 -17.14 -5.19
N MET A 70 -8.78 -17.76 -5.99
CA MET A 70 -7.58 -18.34 -5.42
C MET A 70 -6.67 -17.27 -4.85
N GLU A 71 -6.74 -16.04 -5.38
CA GLU A 71 -5.98 -14.93 -4.81
C GLU A 71 -6.41 -14.65 -3.37
N THR A 72 -7.73 -14.65 -3.11
CA THR A 72 -8.22 -14.46 -1.75
C THR A 72 -7.74 -15.58 -0.84
N THR A 73 -7.77 -16.83 -1.32
CA THR A 73 -7.27 -17.95 -0.54
C THR A 73 -5.79 -17.75 -0.18
N GLU A 74 -4.97 -17.39 -1.16
CA GLU A 74 -3.55 -17.14 -0.91
C GLU A 74 -3.37 -16.03 0.12
N HIS A 75 -4.12 -14.93 -0.02
CA HIS A 75 -3.97 -13.83 0.92
C HIS A 75 -4.36 -14.24 2.34
N ARG A 76 -5.48 -14.97 2.49
CA ARG A 76 -5.92 -15.36 3.82
C ARG A 76 -4.96 -16.36 4.45
N VAL A 77 -4.44 -17.31 3.66
CA VAL A 77 -3.51 -18.29 4.19
C VAL A 77 -2.19 -17.62 4.58
N ARG A 78 -1.70 -16.71 3.75
CA ARG A 78 -0.44 -16.03 4.05
C ARG A 78 -0.52 -15.22 5.34
N SER A 79 -1.70 -14.66 5.64
CA SER A 79 -1.87 -13.85 6.84
C SER A 79 -2.10 -14.66 8.10
N GLY A 80 -2.17 -15.99 8.00
CA GLY A 80 -2.51 -16.80 9.15
C GLY A 80 -3.94 -16.67 9.61
N SER A 81 -4.85 -16.39 8.68
CA SER A 81 -6.26 -16.17 8.98
C SER A 81 -7.12 -17.41 8.77
N VAL A 82 -6.55 -18.50 8.26
CA VAL A 82 -7.31 -19.71 7.93
C VAL A 82 -6.99 -20.75 9.00
N HIS A 83 -8.01 -21.12 9.78
CA HIS A 83 -7.89 -22.15 10.80
C HIS A 83 -8.56 -23.42 10.28
N LEU A 84 -7.81 -24.52 10.26
CA LEU A 84 -8.24 -25.76 9.65
C LEU A 84 -8.23 -26.89 10.69
N LEU A 85 -9.29 -27.69 10.69
CA LEU A 85 -9.45 -28.84 11.56
C LEU A 85 -9.30 -30.11 10.74
N ARG A 86 -8.33 -30.94 11.12
CA ARG A 86 -8.02 -32.20 10.48
C ARG A 86 -8.52 -33.37 11.33
N HIS A 87 -8.88 -34.45 10.63
CA HIS A 87 -9.24 -35.73 11.24
C HIS A 87 -8.35 -36.80 10.60
N ASP A 88 -7.47 -37.39 11.41
CA ASP A 88 -6.51 -38.39 10.93
C ASP A 88 -5.68 -37.85 9.76
N GLY A 89 -5.32 -36.57 9.84
CA GLY A 89 -4.52 -35.93 8.83
C GLY A 89 -5.29 -35.34 7.66
N ARG A 90 -6.53 -35.77 7.44
CA ARG A 90 -7.34 -35.26 6.34
C ARG A 90 -8.19 -34.09 6.80
N PRO A 91 -8.28 -33.04 5.98
CA PRO A 91 -9.01 -31.83 6.40
C PRO A 91 -10.50 -32.12 6.55
N ALA A 92 -11.04 -31.78 7.72
CA ALA A 92 -12.45 -31.98 8.02
C ALA A 92 -13.26 -30.69 8.00
N GLY A 93 -12.68 -29.59 8.49
CA GLY A 93 -13.39 -28.32 8.47
C GLY A 93 -12.41 -27.17 8.51
N MET A 94 -12.95 -25.95 8.39
CA MET A 94 -12.11 -24.77 8.49
C MET A 94 -12.97 -23.52 8.54
N PHE A 95 -12.31 -22.40 8.84
CA PHE A 95 -12.91 -21.07 8.76
C PHE A 95 -11.79 -20.05 8.55
N THR A 96 -12.19 -18.82 8.21
CA THR A 96 -11.29 -17.70 8.08
C THR A 96 -11.75 -16.61 9.03
N LEU A 97 -10.84 -16.13 9.86
CA LEU A 97 -11.14 -15.14 10.90
C LEU A 97 -10.23 -13.94 10.69
N THR A 98 -10.81 -12.77 10.44
CA THR A 98 -10.02 -11.59 10.14
C THR A 98 -10.49 -10.40 10.98
N TRP A 99 -9.62 -9.40 11.10
CA TRP A 99 -9.99 -8.15 11.72
C TRP A 99 -10.65 -7.19 10.73
N ASP A 100 -10.32 -7.31 9.43
CA ASP A 100 -10.90 -6.47 8.40
C ASP A 100 -12.10 -7.16 7.75
N PRO A 101 -13.11 -6.41 7.34
CA PRO A 101 -14.30 -7.01 6.74
C PRO A 101 -13.99 -7.61 5.39
N PRO A 102 -14.33 -8.87 5.16
CA PRO A 102 -14.20 -9.49 3.84
C PRO A 102 -15.38 -9.23 2.91
N PHE A 103 -16.36 -8.41 3.32
CA PHE A 103 -17.48 -8.05 2.49
C PHE A 103 -17.76 -6.56 2.67
N ALA A 104 -18.54 -5.99 1.76
CA ALA A 104 -18.86 -4.56 1.81
C ALA A 104 -20.29 -4.30 2.30
N ALA A 105 -20.60 -4.70 3.52
CA ALA A 105 -21.94 -4.48 4.05
C ALA A 105 -22.10 -3.05 4.56
N ASP A 106 -23.36 -2.60 4.60
CA ASP A 106 -23.68 -1.24 4.99
C ASP A 106 -23.19 -0.88 6.40
N GLU A 107 -22.87 -1.89 7.21
CA GLU A 107 -22.48 -1.74 8.62
C GLU A 107 -23.66 -1.27 9.46
N GLY A 108 -24.62 -0.57 8.85
CA GLY A 108 -25.94 -0.44 9.42
C GLY A 108 -26.72 -1.74 9.44
N ALA A 109 -26.24 -2.75 8.73
CA ALA A 109 -26.79 -4.11 8.78
C ALA A 109 -26.23 -4.92 9.94
N PHE A 110 -25.50 -4.29 10.85
CA PHE A 110 -24.99 -4.92 12.06
C PHE A 110 -25.33 -4.06 13.27
N PRO A 111 -25.49 -4.67 14.44
CA PRO A 111 -25.53 -3.89 15.68
C PRO A 111 -24.19 -3.22 15.92
N PRO A 112 -24.15 -2.14 16.71
CA PRO A 112 -22.88 -1.44 16.94
C PRO A 112 -21.88 -2.33 17.68
N ALA A 113 -20.61 -2.21 17.31
CA ALA A 113 -19.54 -2.98 17.92
C ALA A 113 -18.24 -2.21 17.78
N GLU A 114 -17.43 -2.21 18.84
CA GLU A 114 -16.19 -1.45 18.83
C GLU A 114 -15.03 -2.24 18.25
N ARG A 115 -14.96 -3.54 18.51
CA ARG A 115 -13.88 -4.40 18.01
C ARG A 115 -14.48 -5.67 17.41
N PRO A 116 -15.07 -5.57 16.22
CA PRO A 116 -15.65 -6.77 15.59
C PRO A 116 -14.60 -7.55 14.81
N LEU A 117 -14.69 -8.87 14.92
CA LEU A 117 -13.96 -9.77 14.03
C LEU A 117 -14.94 -10.36 13.03
N TYR A 118 -14.40 -10.86 11.92
CA TYR A 118 -15.22 -11.28 10.80
C TYR A 118 -14.92 -12.73 10.46
N LEU A 119 -16.00 -13.52 10.36
CA LEU A 119 -15.95 -14.91 9.99
C LEU A 119 -16.33 -15.05 8.53
N SER A 120 -15.48 -15.73 7.76
CA SER A 120 -15.75 -15.97 6.35
C SER A 120 -15.28 -17.36 5.98
N ARG A 121 -15.75 -17.82 4.82
CA ARG A 121 -15.28 -19.07 4.21
C ARG A 121 -15.38 -20.24 5.17
N LEU A 122 -16.48 -20.32 5.90
CA LEU A 122 -16.77 -21.51 6.69
C LEU A 122 -17.00 -22.69 5.75
N ALA A 123 -16.27 -23.78 5.96
CA ALA A 123 -16.34 -24.91 5.06
C ALA A 123 -16.18 -26.21 5.83
N VAL A 124 -17.06 -27.17 5.54
CA VAL A 124 -17.00 -28.51 6.12
C VAL A 124 -16.85 -29.50 4.96
N ALA A 125 -15.93 -30.44 5.11
CA ALA A 125 -15.72 -31.43 4.05
C ALA A 125 -17.01 -32.18 3.78
N PRO A 126 -17.34 -32.46 2.51
CA PRO A 126 -18.61 -33.12 2.18
C PRO A 126 -18.88 -34.40 2.96
N GLU A 127 -17.84 -35.20 3.25
CA GLU A 127 -18.06 -36.43 4.00
C GLU A 127 -18.43 -36.18 5.46
N TRP A 128 -18.25 -34.96 5.98
CA TRP A 128 -18.66 -34.62 7.33
C TRP A 128 -19.96 -33.82 7.36
N LEU A 129 -20.60 -33.59 6.21
CA LEU A 129 -21.85 -32.86 6.14
C LEU A 129 -23.07 -33.73 6.41
N THR A 130 -22.85 -35.00 6.78
N THR A 130 -22.88 -34.98 6.85
CA THR A 130 -23.90 -35.88 7.23
CA THR A 130 -23.99 -35.90 7.01
C THR A 130 -23.44 -36.57 8.51
C THR A 130 -24.19 -36.30 8.48
N GLY A 131 -24.38 -37.24 9.16
N GLY A 131 -23.30 -37.10 9.05
CA GLY A 131 -24.08 -37.87 10.43
CA GLY A 131 -23.54 -37.73 10.33
C GLY A 131 -24.09 -36.89 11.58
C GLY A 131 -23.53 -36.76 11.50
N GLY A 132 -23.52 -37.33 12.70
CA GLY A 132 -23.53 -36.55 13.92
C GLY A 132 -22.18 -36.30 14.54
N SER A 133 -21.17 -36.02 13.72
CA SER A 133 -19.86 -35.65 14.23
C SER A 133 -19.76 -34.16 14.55
N LEU A 134 -20.73 -33.36 14.12
CA LEU A 134 -20.86 -31.96 14.54
C LEU A 134 -19.63 -31.14 14.14
N VAL A 135 -19.06 -31.43 12.96
CA VAL A 135 -17.85 -30.74 12.53
C VAL A 135 -18.12 -29.26 12.31
N GLY A 136 -19.27 -28.92 11.73
CA GLY A 136 -19.64 -27.52 11.58
C GLY A 136 -19.76 -26.81 12.92
N LEU A 137 -20.38 -27.48 13.90
CA LEU A 137 -20.45 -26.91 15.24
C LEU A 137 -19.06 -26.75 15.84
N ARG A 138 -18.18 -27.73 15.61
CA ARG A 138 -16.80 -27.62 16.09
C ARG A 138 -16.13 -26.37 15.50
N CYS A 139 -16.28 -26.17 14.19
CA CYS A 139 -15.62 -25.04 13.53
C CYS A 139 -16.19 -23.71 14.02
N LEU A 140 -17.51 -23.62 14.16
CA LEU A 140 -18.11 -22.37 14.63
C LEU A 140 -17.75 -22.10 16.08
N ARG A 141 -17.73 -23.13 16.92
CA ARG A 141 -17.28 -22.95 18.31
C ARG A 141 -15.84 -22.48 18.35
N ARG A 142 -14.97 -23.08 17.53
CA ARG A 142 -13.58 -22.65 17.47
C ARG A 142 -13.48 -21.19 17.06
N ALA A 143 -14.26 -20.79 16.06
CA ALA A 143 -14.22 -19.40 15.60
C ALA A 143 -14.70 -18.44 16.69
N ILE A 144 -15.80 -18.78 17.36
CA ILE A 144 -16.32 -17.93 18.43
C ILE A 144 -15.29 -17.79 19.55
N GLU A 145 -14.73 -18.92 19.98
CA GLU A 145 -13.72 -18.87 21.03
C GLU A 145 -12.54 -18.00 20.61
N THR A 146 -11.92 -18.34 19.47
CA THR A 146 -10.75 -17.60 18.99
C THR A 146 -11.03 -16.10 18.88
N ALA A 147 -12.23 -15.74 18.41
CA ALA A 147 -12.57 -14.32 18.32
C ALA A 147 -12.67 -13.69 19.70
N ALA A 148 -13.20 -14.43 20.68
CA ALA A 148 -13.31 -13.89 22.03
C ALA A 148 -11.94 -13.73 22.69
N GLN A 149 -11.05 -14.71 22.50
CA GLN A 149 -9.74 -14.66 23.16
C GLN A 149 -8.88 -13.53 22.58
N ALA A 150 -8.97 -13.31 21.25
CA ALA A 150 -8.31 -12.17 20.60
C ALA A 150 -8.91 -10.82 21.04
N GLY A 151 -9.78 -10.77 22.06
CA GLY A 151 -10.35 -9.50 22.51
C GLY A 151 -11.51 -9.00 21.70
N GLY A 152 -12.26 -9.89 21.07
CA GLY A 152 -13.31 -9.48 20.14
C GLY A 152 -14.57 -9.00 20.85
N ASP A 153 -15.15 -7.94 20.29
CA ASP A 153 -16.43 -7.42 20.75
C ASP A 153 -17.60 -8.13 20.08
N ALA A 154 -17.42 -8.64 18.87
CA ALA A 154 -18.48 -9.30 18.14
C ALA A 154 -17.87 -10.12 17.01
N LEU A 155 -18.62 -11.11 16.55
CA LEU A 155 -18.24 -11.92 15.40
C LEU A 155 -19.29 -11.71 14.32
N ARG A 156 -18.89 -11.10 13.21
CA ARG A 156 -19.78 -10.82 12.10
C ARG A 156 -19.47 -11.76 10.94
N SER A 157 -20.51 -12.08 10.17
CA SER A 157 -20.35 -13.03 9.07
C SER A 157 -21.37 -12.73 7.99
N GLU A 158 -21.06 -13.17 6.78
CA GLU A 158 -21.99 -13.12 5.66
C GLU A 158 -22.40 -14.54 5.31
N ALA A 159 -23.71 -14.79 5.28
CA ALA A 159 -24.22 -16.13 5.06
C ALA A 159 -25.17 -16.16 3.87
N ASN A 160 -25.32 -17.35 3.29
CA ASN A 160 -26.33 -17.59 2.28
C ASN A 160 -27.56 -18.17 2.96
N PRO A 161 -28.67 -17.43 3.06
CA PRO A 161 -29.85 -17.99 3.73
C PRO A 161 -30.44 -19.19 3.02
N ASP A 162 -30.11 -19.41 1.75
CA ASP A 162 -30.60 -20.57 1.02
C ASP A 162 -29.85 -21.84 1.38
N LEU A 163 -28.76 -21.76 2.14
CA LEU A 163 -28.09 -22.93 2.70
C LEU A 163 -28.71 -23.17 4.07
N SER A 164 -29.77 -23.98 4.09
CA SER A 164 -30.66 -24.03 5.25
C SER A 164 -29.95 -24.56 6.49
N ALA A 165 -29.14 -25.61 6.34
CA ALA A 165 -28.53 -26.23 7.52
C ALA A 165 -27.55 -25.28 8.19
N THR A 166 -26.66 -24.67 7.40
CA THR A 166 -25.69 -23.73 7.96
C THR A 166 -26.40 -22.50 8.54
N ARG A 167 -27.44 -22.02 7.86
CA ARG A 167 -28.18 -20.87 8.35
C ARG A 167 -28.82 -21.17 9.71
N SER A 168 -29.40 -22.37 9.84
CA SER A 168 -30.02 -22.75 11.11
C SER A 168 -28.96 -22.92 12.21
N LEU A 169 -27.80 -23.50 11.86
CA LEU A 169 -26.73 -23.62 12.86
C LEU A 169 -26.25 -22.26 13.32
N LEU A 170 -26.13 -21.29 12.40
CA LEU A 170 -25.75 -19.94 12.80
C LEU A 170 -26.82 -19.29 13.67
N ASP A 171 -28.09 -19.53 13.34
CA ASP A 171 -29.18 -18.96 14.14
C ASP A 171 -29.19 -19.55 15.55
N ILE A 172 -28.95 -20.85 15.67
CA ILE A 172 -28.99 -21.49 16.98
C ILE A 172 -27.83 -21.02 17.84
N LEU A 173 -26.67 -20.79 17.24
CA LEU A 173 -25.50 -20.33 17.98
C LEU A 173 -25.57 -18.85 18.35
N GLY A 174 -26.64 -18.15 17.98
CA GLY A 174 -26.83 -16.78 18.40
C GLY A 174 -26.49 -15.71 17.38
N PHE A 175 -26.22 -16.09 16.13
CA PHE A 175 -25.98 -15.10 15.09
C PHE A 175 -27.31 -14.46 14.70
N VAL A 176 -27.44 -13.16 14.90
CA VAL A 176 -28.67 -12.43 14.64
C VAL A 176 -28.53 -11.68 13.32
N GLN A 177 -29.58 -11.74 12.50
CA GLN A 177 -29.65 -10.95 11.28
C GLN A 177 -30.24 -9.59 11.63
N HIS A 178 -29.53 -8.52 11.30
CA HIS A 178 -29.95 -7.18 11.66
C HIS A 178 -30.51 -6.38 10.49
N GLY A 179 -29.89 -6.49 9.32
CA GLY A 179 -30.37 -5.80 8.15
C GLY A 179 -31.19 -6.69 7.25
N PRO A 180 -31.64 -6.15 6.12
CA PRO A 180 -32.46 -6.93 5.20
C PRO A 180 -31.65 -7.92 4.38
N THR A 181 -32.36 -8.90 3.82
CA THR A 181 -31.76 -9.89 2.93
C THR A 181 -31.47 -9.26 1.58
N LEU A 182 -30.27 -9.48 1.07
CA LEU A 182 -29.82 -8.85 -0.17
C LEU A 182 -29.80 -9.87 -1.30
N SER A 183 -30.15 -9.40 -2.49
CA SER A 183 -29.98 -10.17 -3.72
C SER A 183 -28.92 -9.46 -4.56
N ASP A 184 -27.96 -10.23 -5.07
CA ASP A 184 -26.82 -9.65 -5.77
C ASP A 184 -27.11 -9.25 -7.20
N GLY A 185 -28.34 -9.46 -7.69
CA GLY A 185 -28.70 -9.15 -9.04
C GLY A 185 -28.59 -10.30 -10.02
N GLN A 186 -28.09 -11.46 -9.57
CA GLN A 186 -27.89 -12.63 -10.41
C GLN A 186 -28.34 -13.89 -9.69
N GLY A 187 -29.38 -13.75 -8.86
CA GLY A 187 -30.03 -14.89 -8.24
C GLY A 187 -29.41 -15.39 -6.96
N ARG A 188 -28.44 -14.67 -6.39
CA ARG A 188 -27.78 -15.07 -5.15
C ARG A 188 -28.25 -14.20 -3.99
N ARG A 189 -28.74 -14.83 -2.95
CA ARG A 189 -29.18 -14.15 -1.74
C ARG A 189 -28.10 -14.22 -0.67
N ARG A 190 -28.00 -13.17 0.14
CA ARG A 190 -27.05 -13.13 1.23
C ARG A 190 -27.60 -12.29 2.37
N VAL A 191 -27.20 -12.64 3.59
CA VAL A 191 -27.60 -11.96 4.81
C VAL A 191 -26.36 -11.70 5.64
N HIS A 192 -26.45 -10.70 6.51
CA HIS A 192 -25.35 -10.28 7.36
C HIS A 192 -25.71 -10.58 8.82
N LEU A 193 -24.93 -11.46 9.44
CA LEU A 193 -25.20 -11.96 10.78
C LEU A 193 -24.16 -11.43 11.76
N HIS A 194 -24.59 -11.28 13.01
CA HIS A 194 -23.79 -10.70 14.07
C HIS A 194 -24.02 -11.49 15.35
N LYS A 195 -22.94 -11.91 16.00
CA LYS A 195 -23.03 -12.58 17.30
C LYS A 195 -22.22 -11.79 18.32
N SER A 196 -22.86 -11.42 19.42
CA SER A 196 -22.15 -10.78 20.51
C SER A 196 -21.21 -11.76 21.19
N LEU A 197 -20.05 -11.26 21.62
CA LEU A 197 -19.08 -12.09 22.31
C LEU A 197 -18.97 -11.70 23.78
N ALA B 34 -7.55 10.63 -34.51
CA ALA B 34 -6.95 10.80 -33.19
C ALA B 34 -6.34 9.49 -32.70
N TRP B 35 -7.19 8.50 -32.46
CA TRP B 35 -6.76 7.19 -32.01
C TRP B 35 -6.80 6.22 -33.19
N GLN B 36 -5.64 5.70 -33.57
CA GLN B 36 -5.53 4.84 -34.74
C GLN B 36 -4.86 3.53 -34.35
N TRP B 37 -5.51 2.42 -34.67
CA TRP B 37 -4.92 1.10 -34.46
C TRP B 37 -4.24 0.63 -35.74
N GLU B 38 -3.16 -0.12 -35.57
CA GLU B 38 -2.42 -0.67 -36.69
C GLU B 38 -1.77 -1.97 -36.27
N VAL B 39 -1.41 -2.77 -37.27
CA VAL B 39 -0.51 -3.91 -37.06
C VAL B 39 0.90 -3.39 -37.24
N SER B 40 1.68 -3.42 -36.16
CA SER B 40 2.99 -2.79 -36.17
C SER B 40 3.96 -3.53 -37.09
N ARG B 41 4.83 -2.76 -37.75
CA ARG B 41 5.91 -3.32 -38.55
C ARG B 41 7.25 -2.71 -38.16
N ASP B 42 7.32 -1.99 -37.04
CA ASP B 42 8.52 -1.29 -36.59
C ASP B 42 9.00 -1.94 -35.30
N THR B 43 10.13 -2.65 -35.36
CA THR B 43 10.63 -3.37 -34.20
C THR B 43 11.18 -2.42 -33.14
N GLY B 44 11.96 -1.42 -33.56
CA GLY B 44 12.53 -0.49 -32.60
C GLY B 44 11.48 0.28 -31.83
N GLU B 45 10.44 0.74 -32.52
CA GLU B 45 9.36 1.48 -31.87
C GLU B 45 8.67 0.61 -30.82
N VAL B 46 8.32 -0.62 -31.19
CA VAL B 46 7.65 -1.54 -30.28
C VAL B 46 8.51 -1.81 -29.06
N HIS B 47 9.78 -2.17 -29.27
CA HIS B 47 10.65 -2.49 -28.15
C HIS B 47 10.86 -1.28 -27.25
N ALA B 48 10.98 -0.09 -27.84
CA ALA B 48 11.19 1.11 -27.04
C ALA B 48 9.98 1.39 -26.16
N MET B 49 8.77 1.31 -26.72
CA MET B 49 7.58 1.54 -25.92
C MET B 49 7.44 0.48 -24.83
N LEU B 50 7.72 -0.78 -25.16
CA LEU B 50 7.65 -1.85 -24.18
C LEU B 50 8.59 -1.60 -23.01
N CYS B 51 9.85 -1.24 -23.31
CA CYS B 51 10.80 -0.99 -22.24
C CYS B 51 10.46 0.27 -21.44
N ALA B 52 9.91 1.30 -22.09
CA ALA B 52 9.51 2.48 -21.35
C ALA B 52 8.37 2.16 -20.38
N CYS B 53 7.36 1.41 -20.85
CA CYS B 53 6.28 0.99 -19.96
C CYS B 53 6.79 0.11 -18.83
N ASP B 54 7.74 -0.79 -19.14
CA ASP B 54 8.34 -1.61 -18.09
C ASP B 54 9.02 -0.75 -17.04
N ALA B 55 9.79 0.26 -17.48
CA ALA B 55 10.49 1.12 -16.53
C ALA B 55 9.49 1.87 -15.65
N HIS B 56 8.45 2.43 -16.27
CA HIS B 56 7.46 3.18 -15.50
C HIS B 56 6.77 2.28 -14.47
N GLN B 57 6.28 1.12 -14.91
CA GLN B 57 5.54 0.25 -14.02
C GLN B 57 6.43 -0.33 -12.92
N ALA B 58 7.70 -0.61 -13.22
CA ALA B 58 8.61 -1.08 -12.18
C ALA B 58 8.88 0.01 -11.16
N ALA B 59 9.11 1.25 -11.62
CA ALA B 59 9.29 2.36 -10.68
C ALA B 59 8.06 2.56 -9.81
N ALA B 60 6.87 2.39 -10.40
CA ALA B 60 5.63 2.62 -9.65
C ALA B 60 5.33 1.49 -8.66
N SER B 61 5.66 0.25 -9.00
CA SER B 61 5.34 -0.89 -8.15
C SER B 61 6.54 -1.39 -7.35
N GLY B 62 7.67 -0.69 -7.40
CA GLY B 62 8.83 -1.12 -6.66
C GLY B 62 9.42 -2.44 -7.11
N THR B 63 9.14 -2.86 -8.34
CA THR B 63 9.68 -4.09 -8.90
C THR B 63 10.84 -3.78 -9.82
N SER B 64 11.46 -4.83 -10.36
CA SER B 64 12.49 -4.69 -11.37
C SER B 64 11.90 -5.03 -12.74
N ALA B 65 12.26 -4.24 -13.73
CA ALA B 65 11.74 -4.46 -15.08
C ALA B 65 12.23 -5.79 -15.62
N PRO B 66 11.38 -6.55 -16.31
CA PRO B 66 11.83 -7.81 -16.89
C PRO B 66 12.80 -7.58 -18.03
N ALA B 67 13.66 -8.57 -18.26
CA ALA B 67 14.62 -8.52 -19.36
C ALA B 67 13.90 -8.90 -20.64
N ARG B 68 13.69 -7.92 -21.52
CA ARG B 68 12.99 -8.15 -22.77
C ARG B 68 13.95 -8.57 -23.87
N ARG B 69 13.54 -9.54 -24.68
CA ARG B 69 14.37 -10.08 -25.74
C ARG B 69 14.10 -9.35 -27.05
N MET B 70 15.16 -8.83 -27.67
CA MET B 70 15.03 -8.21 -28.99
C MET B 70 14.55 -9.22 -30.01
N GLU B 71 15.04 -10.45 -29.95
CA GLU B 71 14.62 -11.47 -30.90
C GLU B 71 13.13 -11.79 -30.76
N THR B 72 12.61 -11.76 -29.54
CA THR B 72 11.17 -11.96 -29.34
C THR B 72 10.37 -10.83 -29.99
N THR B 73 10.83 -9.58 -29.81
CA THR B 73 10.16 -8.45 -30.46
C THR B 73 10.18 -8.60 -31.97
N GLU B 74 11.34 -8.98 -32.53
CA GLU B 74 11.44 -9.19 -33.98
C GLU B 74 10.48 -10.26 -34.45
N HIS B 75 10.43 -11.39 -33.74
CA HIS B 75 9.57 -12.49 -34.14
C HIS B 75 8.10 -12.09 -34.07
N ARG B 76 7.72 -11.32 -33.03
CA ARG B 76 6.32 -10.94 -32.89
C ARG B 76 5.91 -9.90 -33.94
N VAL B 77 6.81 -8.95 -34.24
CA VAL B 77 6.48 -7.91 -35.21
C VAL B 77 6.42 -8.49 -36.61
N ARG B 78 7.41 -9.32 -36.97
CA ARG B 78 7.44 -9.89 -38.32
C ARG B 78 6.26 -10.82 -38.56
N SER B 79 5.76 -11.47 -37.51
CA SER B 79 4.61 -12.37 -37.64
C SER B 79 3.28 -11.62 -37.71
N GLY B 80 3.29 -10.30 -37.56
CA GLY B 80 2.05 -9.54 -37.57
C GLY B 80 1.20 -9.73 -36.34
N SER B 81 1.82 -10.07 -35.21
CA SER B 81 1.10 -10.33 -33.96
C SER B 81 1.05 -9.13 -33.03
N VAL B 82 1.71 -8.03 -33.37
CA VAL B 82 1.78 -6.85 -32.52
C VAL B 82 0.82 -5.80 -33.04
N HIS B 83 -0.17 -5.44 -32.23
CA HIS B 83 -1.14 -4.40 -32.55
C HIS B 83 -0.83 -3.17 -31.71
N LEU B 84 -0.65 -2.04 -32.37
CA LEU B 84 -0.20 -0.80 -31.75
C LEU B 84 -1.24 0.29 -31.96
N LEU B 85 -1.46 1.08 -30.90
CA LEU B 85 -2.41 2.18 -30.88
C LEU B 85 -1.64 3.49 -30.81
N ARG B 86 -1.81 4.34 -31.82
CA ARG B 86 -1.22 5.66 -31.91
C ARG B 86 -2.25 6.74 -31.56
N HIS B 87 -1.75 7.81 -30.95
CA HIS B 87 -2.53 9.00 -30.66
C HIS B 87 -1.81 10.20 -31.28
N ASP B 88 -2.42 10.79 -32.29
CA ASP B 88 -1.81 11.91 -33.05
C ASP B 88 -0.44 11.51 -33.60
N GLY B 89 -0.31 10.25 -34.00
CA GLY B 89 0.91 9.73 -34.56
C GLY B 89 1.85 9.08 -33.56
N ARG B 90 1.80 9.51 -32.30
CA ARG B 90 2.71 8.93 -31.32
C ARG B 90 2.17 7.61 -30.79
N PRO B 91 3.03 6.63 -30.55
CA PRO B 91 2.57 5.35 -29.98
C PRO B 91 2.02 5.56 -28.57
N ALA B 92 0.78 5.13 -28.35
CA ALA B 92 0.12 5.24 -27.06
C ALA B 92 -0.01 3.92 -26.33
N GLY B 93 -0.28 2.83 -27.05
CA GLY B 93 -0.38 1.53 -26.40
C GLY B 93 -0.13 0.43 -27.40
N MET B 94 -0.17 -0.82 -26.92
CA MET B 94 -0.02 -1.96 -27.81
C MET B 94 -0.25 -3.24 -27.03
N PHE B 95 -0.34 -4.34 -27.78
CA PHE B 95 -0.37 -5.69 -27.23
C PHE B 95 0.11 -6.66 -28.30
N THR B 96 0.37 -7.90 -27.89
CA THR B 96 0.76 -8.97 -28.78
C THR B 96 -0.26 -10.09 -28.64
N LEU B 97 -0.82 -10.52 -29.77
CA LEU B 97 -1.86 -11.54 -29.80
C LEU B 97 -1.39 -12.69 -30.66
N THR B 98 -1.30 -13.89 -30.08
CA THR B 98 -0.76 -15.03 -30.79
C THR B 98 -1.68 -16.24 -30.66
N TRP B 99 -1.58 -17.15 -31.63
CA TRP B 99 -2.30 -18.41 -31.56
C TRP B 99 -1.60 -19.44 -30.69
N ASP B 100 -0.26 -19.31 -30.52
CA ASP B 100 0.56 -20.19 -29.70
C ASP B 100 0.80 -19.59 -28.32
N PRO B 101 0.96 -20.42 -27.31
CA PRO B 101 1.22 -19.90 -25.95
C PRO B 101 2.58 -19.25 -25.85
N PRO B 102 2.64 -18.00 -25.38
CA PRO B 102 3.93 -17.35 -25.12
C PRO B 102 4.52 -17.65 -23.74
N PHE B 103 3.94 -18.57 -22.99
CA PHE B 103 4.45 -18.98 -21.70
C PHE B 103 4.47 -20.50 -21.63
N ALA B 104 5.18 -21.02 -20.63
CA ALA B 104 5.39 -22.46 -20.49
C ALA B 104 4.41 -23.11 -19.52
N ALA B 105 3.41 -22.37 -19.04
CA ALA B 105 2.48 -22.90 -18.05
C ALA B 105 1.70 -24.08 -18.61
N ASP B 106 1.22 -24.94 -17.69
CA ASP B 106 0.38 -26.06 -18.05
C ASP B 106 -1.04 -25.55 -18.30
N GLU B 107 -1.53 -25.71 -19.53
CA GLU B 107 -2.82 -25.16 -19.91
C GLU B 107 -3.99 -25.95 -19.33
N GLY B 108 -3.75 -27.14 -18.76
CA GLY B 108 -4.81 -27.89 -18.11
C GLY B 108 -5.45 -27.17 -16.95
N ALA B 109 -4.75 -26.18 -16.39
CA ALA B 109 -5.34 -25.39 -15.30
C ALA B 109 -6.47 -24.49 -15.82
N PHE B 110 -6.32 -23.98 -17.04
CA PHE B 110 -7.35 -23.12 -17.62
C PHE B 110 -8.61 -23.92 -17.90
N PRO B 111 -9.77 -23.25 -17.97
CA PRO B 111 -10.97 -23.93 -18.45
C PRO B 111 -10.77 -24.38 -19.89
N PRO B 112 -11.44 -25.46 -20.30
CA PRO B 112 -11.23 -25.97 -21.65
C PRO B 112 -11.62 -24.94 -22.71
N ALA B 113 -10.83 -24.91 -23.78
CA ALA B 113 -11.08 -24.01 -24.90
C ALA B 113 -10.60 -24.66 -26.18
N GLU B 114 -11.35 -24.47 -27.25
CA GLU B 114 -11.00 -25.07 -28.54
C GLU B 114 -10.06 -24.17 -29.35
N ARG B 115 -10.39 -22.88 -29.43
CA ARG B 115 -9.60 -21.91 -30.21
C ARG B 115 -9.14 -20.78 -29.29
N PRO B 116 -8.24 -21.06 -28.35
CA PRO B 116 -7.76 -20.00 -27.45
C PRO B 116 -6.67 -19.17 -28.11
N LEU B 117 -6.75 -17.86 -27.90
CA LEU B 117 -5.68 -16.94 -28.27
C LEU B 117 -4.99 -16.46 -27.01
N TYR B 118 -3.81 -15.87 -27.20
CA TYR B 118 -2.94 -15.54 -26.08
C TYR B 118 -2.53 -14.08 -26.18
N LEU B 119 -2.69 -13.37 -25.07
CA LEU B 119 -2.34 -11.97 -24.94
C LEU B 119 -1.04 -11.84 -24.16
N SER B 120 -0.08 -11.09 -24.72
CA SER B 120 1.19 -10.86 -24.06
C SER B 120 1.67 -9.45 -24.36
N ARG B 121 2.66 -9.00 -23.58
CA ARG B 121 3.37 -7.75 -23.85
C ARG B 121 2.42 -6.57 -23.97
N LEU B 122 1.41 -6.54 -23.09
CA LEU B 122 0.56 -5.36 -22.98
C LEU B 122 1.40 -4.20 -22.49
N ALA B 123 1.34 -3.08 -23.21
CA ALA B 123 2.16 -1.92 -22.89
C ALA B 123 1.37 -0.65 -23.15
N VAL B 124 1.50 0.30 -22.23
CA VAL B 124 0.91 1.62 -22.35
C VAL B 124 2.02 2.65 -22.19
N ALA B 125 2.03 3.64 -23.08
CA ALA B 125 3.04 4.69 -23.00
C ALA B 125 2.99 5.37 -21.62
N PRO B 126 4.14 5.61 -20.99
CA PRO B 126 4.15 6.18 -19.64
C PRO B 126 3.36 7.49 -19.50
N GLU B 127 3.33 8.32 -20.54
CA GLU B 127 2.55 9.56 -20.47
C GLU B 127 1.05 9.30 -20.39
N TRP B 128 0.59 8.07 -20.67
CA TRP B 128 -0.81 7.72 -20.51
C TRP B 128 -1.06 6.87 -19.28
N LEU B 129 -0.04 6.64 -18.45
CA LEU B 129 -0.19 5.87 -17.22
C LEU B 129 -0.59 6.80 -16.06
N THR B 130 -1.73 7.46 -16.26
CA THR B 130 -2.27 8.40 -15.30
C THR B 130 -3.57 7.85 -14.70
N GLY B 131 -3.99 8.47 -13.60
CA GLY B 131 -5.21 8.07 -12.93
C GLY B 131 -6.45 8.27 -13.79
N GLY B 132 -7.31 7.26 -13.85
CA GLY B 132 -8.50 7.32 -14.67
C GLY B 132 -8.28 7.18 -16.16
N SER B 133 -7.03 7.06 -16.61
CA SER B 133 -6.74 6.89 -18.02
C SER B 133 -7.31 5.57 -18.52
N LEU B 134 -7.81 5.57 -19.75
CA LEU B 134 -8.47 4.42 -20.34
C LEU B 134 -7.67 3.80 -21.49
N VAL B 135 -6.39 4.16 -21.62
CA VAL B 135 -5.58 3.63 -22.71
C VAL B 135 -5.36 2.12 -22.54
N GLY B 136 -5.07 1.68 -21.32
CA GLY B 136 -4.99 0.26 -21.07
C GLY B 136 -6.31 -0.45 -21.35
N LEU B 137 -7.42 0.19 -20.99
CA LEU B 137 -8.73 -0.35 -21.33
C LEU B 137 -8.92 -0.42 -22.85
N ARG B 138 -8.46 0.60 -23.57
CA ARG B 138 -8.53 0.56 -25.02
C ARG B 138 -7.76 -0.64 -25.58
N CYS B 139 -6.54 -0.85 -25.07
CA CYS B 139 -5.72 -1.94 -25.58
C CYS B 139 -6.36 -3.29 -25.28
N LEU B 140 -6.83 -3.48 -24.05
CA LEU B 140 -7.44 -4.76 -23.69
C LEU B 140 -8.74 -5.00 -24.44
N ARG B 141 -9.54 -3.94 -24.65
CA ARG B 141 -10.76 -4.07 -25.45
C ARG B 141 -10.44 -4.45 -26.89
N ARG B 142 -9.41 -3.82 -27.47
CA ARG B 142 -9.00 -4.17 -28.82
C ARG B 142 -8.53 -5.63 -28.89
N ALA B 143 -7.80 -6.08 -27.86
CA ALA B 143 -7.36 -7.46 -27.84
C ALA B 143 -8.55 -8.42 -27.76
N ILE B 144 -9.52 -8.13 -26.90
CA ILE B 144 -10.71 -8.98 -26.78
C ILE B 144 -11.45 -9.03 -28.11
N GLU B 145 -11.63 -7.88 -28.75
CA GLU B 145 -12.39 -7.84 -30.00
C GLU B 145 -11.65 -8.55 -31.11
N THR B 146 -10.33 -8.39 -31.19
CA THR B 146 -9.55 -9.06 -32.23
C THR B 146 -9.54 -10.57 -32.01
N ALA B 147 -9.50 -11.01 -30.76
CA ALA B 147 -9.55 -12.45 -30.50
C ALA B 147 -10.93 -13.00 -30.83
N ALA B 148 -12.00 -12.26 -30.54
CA ALA B 148 -13.34 -12.74 -30.85
C ALA B 148 -13.58 -12.80 -32.35
N GLN B 149 -13.20 -11.73 -33.06
CA GLN B 149 -13.40 -11.68 -34.51
C GLN B 149 -12.54 -12.69 -35.26
N ALA B 150 -11.45 -13.17 -34.64
CA ALA B 150 -10.65 -14.25 -35.20
C ALA B 150 -11.25 -15.62 -34.91
N GLY B 151 -12.48 -15.67 -34.41
CA GLY B 151 -13.09 -16.94 -34.05
C GLY B 151 -12.55 -17.54 -32.77
N GLY B 152 -12.05 -16.71 -31.86
CA GLY B 152 -11.37 -17.21 -30.69
C GLY B 152 -12.35 -17.70 -29.63
N ASP B 153 -11.96 -18.79 -28.97
CA ASP B 153 -12.77 -19.35 -27.89
C ASP B 153 -12.46 -18.67 -26.57
N ALA B 154 -11.22 -18.23 -26.36
CA ALA B 154 -10.83 -17.64 -25.09
C ALA B 154 -9.60 -16.78 -25.31
N LEU B 155 -9.34 -15.90 -24.34
CA LEU B 155 -8.15 -15.06 -24.31
C LEU B 155 -7.40 -15.36 -23.02
N ARG B 156 -6.25 -16.02 -23.15
CA ARG B 156 -5.42 -16.38 -22.02
C ARG B 156 -4.21 -15.45 -21.96
N SER B 157 -3.74 -15.19 -20.75
CA SER B 157 -2.65 -14.22 -20.58
C SER B 157 -1.85 -14.54 -19.33
N GLU B 158 -0.61 -14.06 -19.31
CA GLU B 158 0.26 -14.12 -18.15
C GLU B 158 0.43 -12.70 -17.62
N ALA B 159 0.14 -12.51 -16.33
CA ALA B 159 0.14 -11.17 -15.75
C ALA B 159 1.05 -11.12 -14.53
N ASN B 160 1.50 -9.90 -14.21
CA ASN B 160 2.26 -9.65 -13.01
C ASN B 160 1.31 -9.12 -11.94
N PRO B 161 1.03 -9.89 -10.88
CA PRO B 161 0.10 -9.40 -9.86
C PRO B 161 0.60 -8.18 -9.11
N ASP B 162 1.91 -7.95 -9.10
CA ASP B 162 2.47 -6.77 -8.43
C ASP B 162 2.24 -5.48 -9.21
N LEU B 163 1.86 -5.56 -10.48
CA LEU B 163 1.40 -4.40 -11.24
C LEU B 163 -0.09 -4.23 -10.93
N SER B 164 -0.38 -3.51 -9.85
CA SER B 164 -1.72 -3.53 -9.28
C SER B 164 -2.78 -2.97 -10.22
N ALA B 165 -2.47 -1.86 -10.90
CA ALA B 165 -3.45 -1.26 -11.81
C ALA B 165 -3.82 -2.21 -12.93
N THR B 166 -2.81 -2.79 -13.59
CA THR B 166 -3.07 -3.69 -14.70
C THR B 166 -3.78 -4.97 -14.24
N ARG B 167 -3.37 -5.51 -13.09
CA ARG B 167 -4.02 -6.70 -12.57
C ARG B 167 -5.49 -6.44 -12.27
N SER B 168 -5.79 -5.29 -11.64
CA SER B 168 -7.17 -4.95 -11.34
C SER B 168 -7.98 -4.73 -12.61
N LEU B 169 -7.38 -4.08 -13.62
CA LEU B 169 -8.07 -3.87 -14.88
C LEU B 169 -8.38 -5.19 -15.57
N LEU B 170 -7.42 -6.13 -15.56
CA LEU B 170 -7.66 -7.45 -16.13
C LEU B 170 -8.78 -8.16 -15.37
N ASP B 171 -8.81 -8.02 -14.05
CA ASP B 171 -9.85 -8.68 -13.26
C ASP B 171 -11.22 -8.09 -13.56
N ILE B 172 -11.30 -6.77 -13.72
CA ILE B 172 -12.59 -6.12 -14.01
C ILE B 172 -13.11 -6.54 -15.37
N LEU B 173 -12.22 -6.77 -16.33
CA LEU B 173 -12.63 -7.15 -17.68
C LEU B 173 -12.91 -8.65 -17.81
N GLY B 174 -12.87 -9.41 -16.73
CA GLY B 174 -13.24 -10.81 -16.77
C GLY B 174 -12.12 -11.81 -16.89
N PHE B 175 -10.87 -11.39 -16.70
CA PHE B 175 -9.75 -12.33 -16.73
C PHE B 175 -9.65 -13.01 -15.37
N VAL B 176 -10.04 -14.29 -15.32
CA VAL B 176 -10.09 -15.04 -14.08
C VAL B 176 -8.77 -15.77 -13.89
N GLN B 177 -8.21 -15.72 -12.68
CA GLN B 177 -6.96 -16.41 -12.40
C GLN B 177 -7.21 -17.89 -12.19
N HIS B 178 -6.38 -18.72 -12.80
CA HIS B 178 -6.41 -20.17 -12.55
C HIS B 178 -5.02 -20.63 -12.16
N GLY B 179 -4.95 -21.51 -11.16
CA GLY B 179 -3.69 -21.95 -10.63
C GLY B 179 -3.15 -20.96 -9.61
N PRO B 180 -2.12 -21.37 -8.87
CA PRO B 180 -1.57 -20.50 -7.83
C PRO B 180 -0.69 -19.40 -8.43
N THR B 181 -0.35 -18.45 -7.57
CA THR B 181 0.61 -17.42 -7.93
C THR B 181 2.01 -18.02 -7.87
N LEU B 182 2.76 -17.87 -8.95
CA LEU B 182 4.09 -18.46 -9.07
C LEU B 182 5.17 -17.40 -8.90
N SER B 183 6.24 -17.79 -8.24
CA SER B 183 7.46 -16.99 -8.14
C SER B 183 8.55 -17.66 -8.97
N ASP B 184 9.38 -16.85 -9.63
CA ASP B 184 10.41 -17.37 -10.52
C ASP B 184 11.70 -17.74 -9.79
N GLY B 185 11.72 -17.65 -8.47
CA GLY B 185 12.93 -17.88 -7.70
C GLY B 185 13.86 -16.69 -7.60
N GLN B 186 13.50 -15.57 -8.23
CA GLN B 186 14.32 -14.36 -8.22
C GLN B 186 13.47 -13.13 -7.98
N GLY B 187 12.44 -13.27 -7.14
CA GLY B 187 11.65 -12.15 -6.67
C GLY B 187 10.41 -11.85 -7.48
N ARG B 188 10.40 -12.18 -8.76
CA ARG B 188 9.25 -11.85 -9.60
C ARG B 188 8.11 -12.83 -9.37
N ARG B 189 6.89 -12.34 -9.54
CA ARG B 189 5.68 -13.13 -9.39
C ARG B 189 4.85 -13.04 -10.66
N ARG B 190 4.10 -14.11 -10.95
CA ARG B 190 3.26 -14.12 -12.14
C ARG B 190 2.06 -15.02 -11.91
N VAL B 191 0.96 -14.70 -12.59
CA VAL B 191 -0.28 -15.45 -12.52
C VAL B 191 -0.78 -15.68 -13.94
N HIS B 192 -1.68 -16.66 -14.08
CA HIS B 192 -2.20 -17.05 -15.38
C HIS B 192 -3.71 -16.82 -15.40
N LEU B 193 -4.17 -16.00 -16.35
CA LEU B 193 -5.54 -15.53 -16.44
C LEU B 193 -6.20 -16.07 -17.70
N HIS B 194 -7.52 -16.23 -17.62
CA HIS B 194 -8.33 -16.80 -18.68
C HIS B 194 -9.63 -16.02 -18.76
N LYS B 195 -9.96 -15.53 -19.96
CA LYS B 195 -11.24 -14.87 -20.19
C LYS B 195 -11.99 -15.62 -21.28
N SER B 196 -13.22 -16.02 -20.97
CA SER B 196 -14.06 -16.66 -21.97
C SER B 196 -14.58 -15.64 -22.98
N LEU B 197 -14.71 -16.07 -24.22
CA LEU B 197 -15.20 -15.21 -25.29
C LEU B 197 -16.57 -15.66 -25.79
N ALA C 34 -14.19 -6.63 -1.29
CA ALA C 34 -14.40 -5.27 -0.81
C ALA C 34 -15.37 -4.51 -1.72
N TRP C 35 -15.56 -5.04 -2.93
CA TRP C 35 -16.53 -4.50 -3.89
C TRP C 35 -17.66 -5.50 -4.05
N GLN C 36 -18.87 -5.11 -3.67
CA GLN C 36 -20.01 -6.04 -3.68
C GLN C 36 -21.21 -5.41 -4.38
N TRP C 37 -21.92 -6.23 -5.15
CA TRP C 37 -23.11 -5.78 -5.86
C TRP C 37 -24.37 -6.20 -5.11
N GLU C 38 -25.42 -5.40 -5.26
CA GLU C 38 -26.69 -5.70 -4.62
C GLU C 38 -27.82 -5.10 -5.45
N VAL C 39 -29.00 -5.70 -5.33
CA VAL C 39 -30.21 -5.07 -5.87
C VAL C 39 -30.67 -4.06 -4.84
N SER C 40 -30.68 -2.78 -5.22
CA SER C 40 -31.05 -1.75 -4.27
C SER C 40 -32.54 -1.80 -3.97
N ARG C 41 -32.88 -1.68 -2.69
CA ARG C 41 -34.26 -1.58 -2.24
C ARG C 41 -34.49 -0.32 -1.42
N ASP C 42 -33.59 0.66 -1.53
CA ASP C 42 -33.66 1.91 -0.80
C ASP C 42 -33.82 3.04 -1.81
N THR C 43 -35.02 3.62 -1.86
CA THR C 43 -35.30 4.67 -2.83
C THR C 43 -34.50 5.94 -2.53
N GLY C 44 -34.45 6.34 -1.26
CA GLY C 44 -33.73 7.56 -0.89
C GLY C 44 -32.25 7.48 -1.22
N GLU C 45 -31.62 6.34 -0.91
CA GLU C 45 -30.20 6.19 -1.20
C GLU C 45 -29.92 6.28 -2.70
N VAL C 46 -30.73 5.61 -3.51
CA VAL C 46 -30.56 5.64 -4.96
C VAL C 46 -30.72 7.06 -5.49
N HIS C 47 -31.78 7.75 -5.05
CA HIS C 47 -32.04 9.08 -5.58
C HIS C 47 -30.94 10.06 -5.15
N ALA C 48 -30.49 9.98 -3.90
CA ALA C 48 -29.41 10.86 -3.45
C ALA C 48 -28.13 10.60 -4.23
N MET C 49 -27.78 9.33 -4.44
CA MET C 49 -26.58 9.01 -5.20
C MET C 49 -26.68 9.53 -6.64
N LEU C 50 -27.83 9.32 -7.28
CA LEU C 50 -28.04 9.79 -8.63
C LEU C 50 -27.87 11.31 -8.72
N CYS C 51 -28.50 12.03 -7.80
CA CYS C 51 -28.45 13.50 -7.86
C CYS C 51 -27.05 14.03 -7.53
N ALA C 52 -26.33 13.37 -6.62
CA ALA C 52 -24.97 13.79 -6.33
C ALA C 52 -24.06 13.61 -7.53
N CYS C 53 -24.15 12.45 -8.18
CA CYS C 53 -23.35 12.22 -9.38
C CYS C 53 -23.71 13.22 -10.48
N ASP C 54 -25.01 13.47 -10.65
CA ASP C 54 -25.45 14.46 -11.63
C ASP C 54 -24.85 15.82 -11.34
N ALA C 55 -24.87 16.26 -10.09
CA ALA C 55 -24.33 17.56 -9.72
C ALA C 55 -22.85 17.66 -10.06
N HIS C 56 -22.08 16.65 -9.63
CA HIS C 56 -20.64 16.72 -9.88
C HIS C 56 -20.33 16.67 -11.37
N GLN C 57 -21.01 15.83 -12.14
CA GLN C 57 -20.74 15.77 -13.57
C GLN C 57 -21.19 17.04 -14.28
N ALA C 58 -22.28 17.67 -13.84
CA ALA C 58 -22.70 18.93 -14.43
C ALA C 58 -21.69 20.03 -14.16
N ALA C 59 -21.16 20.10 -12.94
CA ALA C 59 -20.15 21.10 -12.65
C ALA C 59 -18.87 20.84 -13.44
N ALA C 60 -18.47 19.57 -13.57
CA ALA C 60 -17.21 19.25 -14.24
C ALA C 60 -17.31 19.40 -15.75
N SER C 61 -18.50 19.22 -16.33
CA SER C 61 -18.66 19.25 -17.77
C SER C 61 -19.28 20.54 -18.29
N GLY C 62 -19.55 21.51 -17.43
CA GLY C 62 -20.12 22.76 -17.88
C GLY C 62 -21.57 22.70 -18.31
N THR C 63 -22.32 21.70 -17.85
CA THR C 63 -23.74 21.57 -18.12
C THR C 63 -24.54 21.74 -16.83
N SER C 64 -25.85 21.50 -16.92
CA SER C 64 -26.72 21.51 -15.77
C SER C 64 -27.27 20.10 -15.55
N ALA C 65 -27.38 19.71 -14.28
CA ALA C 65 -27.87 18.37 -13.97
C ALA C 65 -29.34 18.25 -14.36
N PRO C 66 -29.74 17.11 -14.92
CA PRO C 66 -31.15 16.94 -15.30
C PRO C 66 -32.05 16.77 -14.08
N ALA C 67 -33.32 17.09 -14.27
CA ALA C 67 -34.31 16.92 -13.21
C ALA C 67 -34.71 15.45 -13.13
N ARG C 68 -34.54 14.86 -11.94
CA ARG C 68 -34.86 13.46 -11.72
C ARG C 68 -36.18 13.34 -10.98
N ARG C 69 -37.03 12.44 -11.44
CA ARG C 69 -38.32 12.19 -10.79
C ARG C 69 -38.13 11.15 -9.68
N MET C 70 -38.49 11.54 -8.46
CA MET C 70 -38.51 10.59 -7.35
C MET C 70 -39.42 9.40 -7.63
N GLU C 71 -40.53 9.63 -8.34
CA GLU C 71 -41.45 8.56 -8.66
C GLU C 71 -40.79 7.51 -9.55
N THR C 72 -40.03 7.96 -10.55
CA THR C 72 -39.29 7.02 -11.39
C THR C 72 -38.30 6.21 -10.57
N THR C 73 -37.64 6.86 -9.60
CA THR C 73 -36.70 6.16 -8.73
C THR C 73 -37.41 5.06 -7.96
N GLU C 74 -38.54 5.38 -7.32
CA GLU C 74 -39.24 4.37 -6.53
C GLU C 74 -39.77 3.25 -7.41
N HIS C 75 -40.20 3.58 -8.63
CA HIS C 75 -40.70 2.55 -9.54
C HIS C 75 -39.58 1.60 -9.95
N ARG C 76 -38.42 2.14 -10.31
CA ARG C 76 -37.29 1.29 -10.70
C ARG C 76 -36.80 0.45 -9.52
N VAL C 77 -36.81 1.02 -8.32
CA VAL C 77 -36.33 0.28 -7.15
C VAL C 77 -37.29 -0.86 -6.81
N ARG C 78 -38.59 -0.59 -6.84
CA ARG C 78 -39.56 -1.65 -6.52
C ARG C 78 -39.49 -2.80 -7.53
N SER C 79 -39.24 -2.47 -8.80
CA SER C 79 -39.11 -3.49 -9.84
C SER C 79 -37.79 -4.24 -9.76
N GLY C 80 -36.91 -3.90 -8.82
CA GLY C 80 -35.62 -4.56 -8.72
C GLY C 80 -34.69 -4.28 -9.88
N SER C 81 -34.79 -3.11 -10.49
CA SER C 81 -34.00 -2.76 -11.67
C SER C 81 -32.77 -1.94 -11.36
N VAL C 82 -32.57 -1.54 -10.10
CA VAL C 82 -31.45 -0.69 -9.73
C VAL C 82 -30.38 -1.57 -9.10
N HIS C 83 -29.23 -1.68 -9.76
CA HIS C 83 -28.11 -2.46 -9.24
C HIS C 83 -27.07 -1.50 -8.68
N LEU C 84 -26.70 -1.70 -7.42
CA LEU C 84 -25.81 -0.79 -6.70
C LEU C 84 -24.52 -1.53 -6.32
N LEU C 85 -23.39 -0.90 -6.61
CA LEU C 85 -22.07 -1.37 -6.26
C LEU C 85 -21.59 -0.63 -5.02
N ARG C 86 -21.33 -1.39 -3.95
CA ARG C 86 -20.96 -0.87 -2.65
C ARG C 86 -19.51 -1.23 -2.35
N HIS C 87 -18.79 -0.28 -1.73
CA HIS C 87 -17.39 -0.46 -1.38
C HIS C 87 -17.19 0.02 0.05
N ASP C 88 -16.82 -0.91 0.94
CA ASP C 88 -16.60 -0.62 2.36
C ASP C 88 -17.83 0.01 3.01
N GLY C 89 -19.01 -0.47 2.62
CA GLY C 89 -20.26 0.01 3.15
C GLY C 89 -20.83 1.22 2.44
N ARG C 90 -20.01 2.01 1.76
CA ARG C 90 -20.55 3.19 1.10
C ARG C 90 -20.92 2.86 -0.36
N PRO C 91 -22.00 3.46 -0.85
CA PRO C 91 -22.35 3.28 -2.28
C PRO C 91 -21.28 3.91 -3.17
N ALA C 92 -20.74 3.11 -4.08
CA ALA C 92 -19.71 3.58 -4.99
C ALA C 92 -20.24 3.82 -6.40
N GLY C 93 -21.16 2.98 -6.87
CA GLY C 93 -21.73 3.16 -8.19
C GLY C 93 -23.08 2.50 -8.27
N MET C 94 -23.73 2.66 -9.43
CA MET C 94 -25.00 1.99 -9.67
C MET C 94 -25.42 2.20 -11.12
N PHE C 95 -26.43 1.43 -11.53
CA PHE C 95 -27.08 1.62 -12.82
C PHE C 95 -28.50 1.08 -12.72
N THR C 96 -29.33 1.44 -13.70
CA THR C 96 -30.69 0.93 -13.81
C THR C 96 -30.81 0.16 -15.11
N LEU C 97 -31.27 -1.08 -15.03
CA LEU C 97 -31.38 -1.96 -16.18
C LEU C 97 -32.82 -2.41 -16.31
N THR C 98 -33.48 -2.01 -17.40
CA THR C 98 -34.90 -2.27 -17.56
C THR C 98 -35.18 -2.95 -18.89
N TRP C 99 -36.34 -3.58 -18.98
CA TRP C 99 -36.80 -4.14 -20.25
C TRP C 99 -37.64 -3.16 -21.04
N ASP C 100 -38.15 -2.11 -20.40
CA ASP C 100 -38.91 -1.05 -21.04
C ASP C 100 -38.02 0.17 -21.28
N PRO C 101 -38.28 0.92 -22.34
CA PRO C 101 -37.46 2.11 -22.62
C PRO C 101 -37.68 3.18 -21.57
N PRO C 102 -36.60 3.63 -20.91
CA PRO C 102 -36.73 4.73 -19.95
C PRO C 102 -36.70 6.11 -20.59
N PHE C 103 -36.61 6.18 -21.92
CA PHE C 103 -36.56 7.45 -22.64
C PHE C 103 -37.40 7.33 -23.90
N ALA C 104 -37.71 8.48 -24.49
CA ALA C 104 -38.50 8.53 -25.71
C ALA C 104 -37.56 8.59 -26.91
N ALA C 105 -37.72 7.65 -27.83
CA ALA C 105 -36.91 7.61 -29.05
C ALA C 105 -37.76 7.08 -30.19
N ASP C 106 -37.70 7.76 -31.33
CA ASP C 106 -38.44 7.31 -32.51
C ASP C 106 -37.95 5.93 -32.94
N GLU C 107 -38.83 5.19 -33.61
CA GLU C 107 -38.46 3.88 -34.09
C GLU C 107 -37.40 4.01 -35.17
N GLY C 108 -36.46 3.05 -35.18
CA GLY C 108 -35.32 3.12 -36.06
C GLY C 108 -34.10 3.78 -35.47
N ALA C 109 -34.18 4.28 -34.24
CA ALA C 109 -33.02 4.86 -33.58
C ALA C 109 -32.03 3.79 -33.13
N PHE C 110 -32.47 2.55 -33.00
CA PHE C 110 -31.63 1.43 -32.63
C PHE C 110 -31.75 0.32 -33.67
N PRO C 111 -30.71 -0.49 -33.81
CA PRO C 111 -30.84 -1.66 -34.68
C PRO C 111 -31.90 -2.61 -34.15
N PRO C 112 -32.51 -3.41 -35.03
CA PRO C 112 -33.52 -4.36 -34.55
C PRO C 112 -32.92 -5.36 -33.56
N ALA C 113 -33.72 -5.71 -32.56
CA ALA C 113 -33.28 -6.61 -31.51
C ALA C 113 -34.45 -7.46 -31.06
N GLU C 114 -34.16 -8.71 -30.70
CA GLU C 114 -35.19 -9.64 -30.26
C GLU C 114 -35.56 -9.41 -28.80
N ARG C 115 -34.56 -9.27 -27.94
CA ARG C 115 -34.76 -9.06 -26.51
C ARG C 115 -33.80 -7.99 -26.03
N PRO C 116 -34.08 -6.72 -26.32
CA PRO C 116 -33.18 -5.65 -25.90
C PRO C 116 -33.47 -5.20 -24.47
N LEU C 117 -32.39 -4.83 -23.77
CA LEU C 117 -32.49 -4.19 -22.48
C LEU C 117 -31.96 -2.77 -22.56
N TYR C 118 -32.36 -1.94 -21.60
CA TYR C 118 -32.08 -0.52 -21.60
C TYR C 118 -31.30 -0.16 -20.34
N LEU C 119 -30.18 0.54 -20.55
CA LEU C 119 -29.35 1.05 -19.47
C LEU C 119 -29.66 2.52 -19.24
N SER C 120 -29.92 2.89 -17.99
CA SER C 120 -30.18 4.27 -17.64
C SER C 120 -29.58 4.57 -16.28
N ARG C 121 -29.53 5.87 -15.96
CA ARG C 121 -29.19 6.34 -14.62
C ARG C 121 -27.87 5.76 -14.14
N LEU C 122 -26.87 5.73 -15.03
CA LEU C 122 -25.52 5.39 -14.63
C LEU C 122 -25.00 6.46 -13.68
N ALA C 123 -24.52 6.03 -12.51
CA ALA C 123 -24.08 6.98 -11.48
C ALA C 123 -22.85 6.44 -10.78
N VAL C 124 -21.89 7.33 -10.55
CA VAL C 124 -20.68 7.03 -9.80
C VAL C 124 -20.61 8.01 -8.63
N ALA C 125 -20.35 7.49 -7.44
CA ALA C 125 -20.21 8.36 -6.28
C ALA C 125 -19.11 9.39 -6.53
N PRO C 126 -19.30 10.63 -6.08
CA PRO C 126 -18.31 11.68 -6.37
C PRO C 126 -16.89 11.34 -5.92
N GLU C 127 -16.74 10.53 -4.87
CA GLU C 127 -15.42 10.11 -4.43
C GLU C 127 -14.68 9.35 -5.52
N TRP C 128 -15.41 8.67 -6.41
CA TRP C 128 -14.82 7.80 -7.41
C TRP C 128 -14.82 8.39 -8.81
N LEU C 129 -15.27 9.63 -8.98
CA LEU C 129 -15.21 10.30 -10.28
C LEU C 129 -13.81 10.81 -10.60
N THR C 130 -12.86 10.72 -9.67
CA THR C 130 -11.47 11.04 -9.91
C THR C 130 -10.60 9.93 -9.32
N GLY C 131 -9.55 9.58 -10.04
CA GLY C 131 -8.63 8.54 -9.60
C GLY C 131 -8.66 7.34 -10.53
N GLY C 132 -7.98 6.29 -10.11
CA GLY C 132 -7.84 5.09 -10.92
C GLY C 132 -8.52 3.85 -10.38
N SER C 133 -9.76 4.00 -9.88
CA SER C 133 -10.54 2.85 -9.44
C SER C 133 -11.43 2.29 -10.54
N LEU C 134 -11.69 3.05 -11.60
CA LEU C 134 -12.46 2.58 -12.76
C LEU C 134 -13.84 2.08 -12.34
N VAL C 135 -14.51 2.87 -11.49
CA VAL C 135 -15.81 2.46 -10.99
C VAL C 135 -16.86 2.50 -12.09
N GLY C 136 -16.77 3.49 -12.98
CA GLY C 136 -17.68 3.52 -14.13
C GLY C 136 -17.52 2.29 -15.01
N LEU C 137 -16.28 1.84 -15.20
CA LEU C 137 -16.04 0.62 -15.96
C LEU C 137 -16.65 -0.59 -15.25
N ARG C 138 -16.50 -0.67 -13.92
CA ARG C 138 -17.11 -1.75 -13.16
C ARG C 138 -18.63 -1.76 -13.36
N CYS C 139 -19.26 -0.59 -13.27
CA CYS C 139 -20.71 -0.51 -13.43
C CYS C 139 -21.14 -0.90 -14.84
N LEU C 140 -20.45 -0.40 -15.86
CA LEU C 140 -20.82 -0.74 -17.23
C LEU C 140 -20.62 -2.23 -17.51
N ARG C 141 -19.53 -2.81 -17.00
CA ARG C 141 -19.30 -4.24 -17.16
C ARG C 141 -20.37 -5.05 -16.49
N ARG C 142 -20.75 -4.67 -15.26
CA ARG C 142 -21.82 -5.38 -14.57
C ARG C 142 -23.14 -5.26 -15.32
N ALA C 143 -23.40 -4.09 -15.90
CA ALA C 143 -24.64 -3.92 -16.66
C ALA C 143 -24.66 -4.82 -17.89
N ILE C 144 -23.55 -4.85 -18.63
CA ILE C 144 -23.45 -5.70 -19.82
C ILE C 144 -23.63 -7.18 -19.44
N GLU C 145 -22.93 -7.63 -18.40
CA GLU C 145 -23.01 -9.04 -18.01
C GLU C 145 -24.41 -9.39 -17.50
N THR C 146 -25.03 -8.51 -16.73
CA THR C 146 -26.38 -8.78 -16.24
C THR C 146 -27.38 -8.83 -17.38
N ALA C 147 -27.26 -7.93 -18.35
CA ALA C 147 -28.17 -7.93 -19.49
C ALA C 147 -27.98 -9.19 -20.34
N ALA C 148 -26.72 -9.63 -20.50
CA ALA C 148 -26.47 -10.84 -21.27
C ALA C 148 -27.01 -12.07 -20.54
N GLN C 149 -26.79 -12.17 -19.23
CA GLN C 149 -27.28 -13.30 -18.46
C GLN C 149 -28.80 -13.35 -18.45
N ALA C 150 -29.45 -12.17 -18.34
CA ALA C 150 -30.92 -12.09 -18.43
C ALA C 150 -31.45 -12.50 -19.82
N GLY C 151 -30.63 -13.02 -20.73
CA GLY C 151 -31.09 -13.43 -22.04
C GLY C 151 -31.19 -12.29 -23.04
N GLY C 152 -30.44 -11.22 -22.84
CA GLY C 152 -30.62 -10.02 -23.62
C GLY C 152 -29.97 -10.12 -25.00
N ASP C 153 -30.65 -9.53 -25.98
CA ASP C 153 -30.14 -9.44 -27.34
C ASP C 153 -29.25 -8.23 -27.56
N ALA C 154 -29.53 -7.13 -26.87
CA ALA C 154 -28.77 -5.90 -27.05
C ALA C 154 -28.96 -5.02 -25.83
N LEU C 155 -28.03 -4.08 -25.64
CA LEU C 155 -28.09 -3.11 -24.56
C LEU C 155 -28.17 -1.72 -25.18
N ARG C 156 -29.29 -1.04 -24.97
CA ARG C 156 -29.52 0.28 -25.52
C ARG C 156 -29.44 1.32 -24.40
N SER C 157 -29.04 2.54 -24.75
CA SER C 157 -28.98 3.60 -23.76
C SER C 157 -29.10 4.95 -24.44
N GLU C 158 -29.49 5.95 -23.65
CA GLU C 158 -29.47 7.34 -24.06
C GLU C 158 -28.41 8.06 -23.24
N ALA C 159 -27.46 8.68 -23.91
CA ALA C 159 -26.33 9.31 -23.25
C ALA C 159 -26.24 10.79 -23.62
N ASN C 160 -25.59 11.55 -22.74
CA ASN C 160 -25.31 12.95 -23.00
C ASN C 160 -23.89 13.05 -23.54
N PRO C 161 -23.69 13.42 -24.80
CA PRO C 161 -22.32 13.50 -25.33
C PRO C 161 -21.48 14.56 -24.67
N ASP C 162 -22.08 15.54 -23.99
CA ASP C 162 -21.32 16.56 -23.29
C ASP C 162 -20.70 16.05 -21.99
N LEU C 163 -21.11 14.87 -21.51
CA LEU C 163 -20.41 14.18 -20.44
C LEU C 163 -19.30 13.37 -21.11
N SER C 164 -18.15 14.02 -21.30
CA SER C 164 -17.13 13.49 -22.21
C SER C 164 -16.54 12.18 -21.71
N ALA C 165 -16.25 12.10 -20.40
CA ALA C 165 -15.65 10.88 -19.86
C ALA C 165 -16.58 9.69 -20.03
N THR C 166 -17.86 9.87 -19.66
CA THR C 166 -18.83 8.79 -19.79
C THR C 166 -19.09 8.42 -21.24
N ARG C 167 -19.15 9.43 -22.12
CA ARG C 167 -19.36 9.15 -23.54
C ARG C 167 -18.20 8.36 -24.11
N SER C 168 -16.97 8.75 -23.78
CA SER C 168 -15.80 8.03 -24.27
C SER C 168 -15.74 6.62 -23.69
N LEU C 169 -16.08 6.45 -22.41
CA LEU C 169 -16.09 5.12 -21.82
C LEU C 169 -17.13 4.22 -22.49
N LEU C 170 -18.31 4.76 -22.79
CA LEU C 170 -19.31 3.99 -23.52
C LEU C 170 -18.80 3.61 -24.90
N ASP C 171 -18.12 4.53 -25.58
CA ASP C 171 -17.58 4.22 -26.89
C ASP C 171 -16.54 3.11 -26.82
N ILE C 172 -15.66 3.15 -25.80
CA ILE C 172 -14.61 2.13 -25.69
C ILE C 172 -15.20 0.76 -25.43
N LEU C 173 -16.30 0.68 -24.67
CA LEU C 173 -16.91 -0.60 -24.33
C LEU C 173 -17.74 -1.19 -25.46
N GLY C 174 -17.83 -0.52 -26.61
CA GLY C 174 -18.54 -1.06 -27.75
C GLY C 174 -19.93 -0.50 -27.99
N PHE C 175 -20.34 0.53 -27.26
CA PHE C 175 -21.62 1.17 -27.53
C PHE C 175 -21.51 2.00 -28.79
N VAL C 176 -22.26 1.63 -29.82
CA VAL C 176 -22.18 2.25 -31.13
C VAL C 176 -23.32 3.24 -31.29
N GLN C 177 -23.00 4.46 -31.72
CA GLN C 177 -24.00 5.46 -32.08
C GLN C 177 -24.34 5.32 -33.56
N HIS C 178 -25.63 5.19 -33.86
CA HIS C 178 -26.08 4.96 -35.23
C HIS C 178 -26.69 6.19 -35.89
N GLY C 179 -27.36 7.05 -35.13
CA GLY C 179 -27.93 8.25 -35.69
C GLY C 179 -27.12 9.49 -35.33
N PRO C 180 -27.57 10.65 -35.79
CA PRO C 180 -26.91 11.91 -35.42
C PRO C 180 -27.28 12.34 -34.01
N THR C 181 -26.52 13.30 -33.50
CA THR C 181 -26.77 13.84 -32.17
C THR C 181 -28.02 14.72 -32.20
N LEU C 182 -28.90 14.52 -31.23
CA LEU C 182 -30.17 15.23 -31.16
C LEU C 182 -30.11 16.33 -30.10
N SER C 183 -30.71 17.48 -30.41
CA SER C 183 -30.84 18.58 -29.48
C SER C 183 -32.31 18.81 -29.15
N ASP C 184 -32.60 19.08 -27.88
CA ASP C 184 -33.97 19.24 -27.41
C ASP C 184 -34.49 20.67 -27.58
N GLY C 185 -33.82 21.49 -28.39
CA GLY C 185 -34.23 22.85 -28.65
C GLY C 185 -33.61 23.87 -27.71
N GLN C 186 -33.28 23.47 -26.48
CA GLN C 186 -32.67 24.39 -25.52
C GLN C 186 -31.15 24.36 -25.58
N GLY C 187 -30.56 23.22 -25.91
CA GLY C 187 -29.11 23.10 -25.97
C GLY C 187 -28.61 21.79 -25.40
N ARG C 188 -29.49 21.05 -24.73
CA ARG C 188 -29.14 19.75 -24.16
C ARG C 188 -29.06 18.72 -25.27
N ARG C 189 -27.92 18.05 -25.38
CA ARG C 189 -27.67 17.08 -26.43
C ARG C 189 -27.91 15.67 -25.91
N ARG C 190 -28.26 14.76 -26.82
CA ARG C 190 -28.49 13.37 -26.47
C ARG C 190 -28.19 12.49 -27.67
N VAL C 191 -27.67 11.30 -27.39
CA VAL C 191 -27.36 10.32 -28.42
C VAL C 191 -27.89 8.97 -27.97
N HIS C 192 -28.21 8.12 -28.94
CA HIS C 192 -28.75 6.79 -28.68
C HIS C 192 -27.70 5.76 -29.04
N LEU C 193 -27.27 4.98 -28.04
CA LEU C 193 -26.18 4.03 -28.18
C LEU C 193 -26.70 2.60 -28.09
N HIS C 194 -26.03 1.71 -28.82
CA HIS C 194 -26.39 0.31 -28.92
C HIS C 194 -25.14 -0.54 -28.75
N LYS C 195 -25.23 -1.60 -27.95
CA LYS C 195 -24.17 -2.58 -27.84
C LYS C 195 -24.76 -3.98 -28.04
N SER C 196 -24.15 -4.75 -28.94
CA SER C 196 -24.61 -6.12 -29.16
C SER C 196 -24.27 -6.99 -27.97
N LEU C 197 -25.16 -7.92 -27.65
CA LEU C 197 -24.98 -8.87 -26.57
C LEU C 197 -25.04 -10.30 -27.11
N ARG C 198 -24.63 -11.24 -26.27
CA ARG C 198 -24.74 -12.66 -26.60
C ARG C 198 -25.32 -13.44 -25.42
N ALA D 34 4.49 28.94 -30.47
CA ALA D 34 4.27 29.53 -29.16
C ALA D 34 4.72 28.59 -28.04
N TRP D 35 5.77 28.98 -27.33
CA TRP D 35 6.30 28.24 -26.19
C TRP D 35 6.19 29.13 -24.96
N GLN D 36 5.43 28.69 -23.95
CA GLN D 36 5.17 29.54 -22.81
C GLN D 36 5.55 28.87 -21.50
N TRP D 37 6.12 29.63 -20.59
CA TRP D 37 6.44 29.15 -19.25
C TRP D 37 5.34 29.53 -18.27
N GLU D 38 5.17 28.69 -17.25
CA GLU D 38 4.15 28.94 -16.23
C GLU D 38 4.58 28.28 -14.93
N VAL D 39 4.17 28.87 -13.81
CA VAL D 39 4.34 28.22 -12.52
C VAL D 39 3.24 27.18 -12.39
N SER D 40 3.62 25.90 -12.35
CA SER D 40 2.63 24.84 -12.41
C SER D 40 1.75 24.85 -11.17
N ARG D 41 0.44 24.69 -11.40
CA ARG D 41 -0.54 24.57 -10.33
C ARG D 41 -1.28 23.25 -10.40
N ASP D 42 -1.00 22.42 -11.40
CA ASP D 42 -1.59 21.08 -11.53
C ASP D 42 -0.56 20.07 -11.05
N THR D 43 -0.86 19.40 -9.93
CA THR D 43 0.09 18.49 -9.32
C THR D 43 0.19 17.18 -10.08
N GLY D 44 -0.95 16.62 -10.50
CA GLY D 44 -0.93 15.38 -11.25
C GLY D 44 -0.24 15.52 -12.60
N GLU D 45 -0.35 16.69 -13.22
CA GLU D 45 0.35 16.96 -14.47
C GLU D 45 1.86 16.87 -14.27
N VAL D 46 2.36 17.54 -13.23
CA VAL D 46 3.79 17.51 -12.93
C VAL D 46 4.26 16.09 -12.67
N HIS D 47 3.53 15.35 -11.84
CA HIS D 47 3.99 14.01 -11.49
C HIS D 47 3.96 13.09 -12.71
N ALA D 48 2.91 13.18 -13.53
CA ALA D 48 2.84 12.35 -14.73
C ALA D 48 4.01 12.63 -15.66
N MET D 49 4.32 13.92 -15.86
CA MET D 49 5.42 14.27 -16.74
C MET D 49 6.76 13.76 -16.19
N LEU D 50 6.99 13.95 -14.90
CA LEU D 50 8.25 13.50 -14.29
C LEU D 50 8.43 12.00 -14.44
N CYS D 51 7.37 11.23 -14.15
CA CYS D 51 7.48 9.78 -14.22
C CYS D 51 7.62 9.29 -15.67
N ALA D 52 6.92 9.93 -16.61
CA ALA D 52 7.05 9.54 -18.01
C ALA D 52 8.47 9.79 -18.51
N CYS D 53 9.05 10.95 -18.20
CA CYS D 53 10.41 11.23 -18.64
C CYS D 53 11.40 10.28 -17.98
N ASP D 54 11.24 10.03 -16.68
CA ASP D 54 12.10 9.05 -15.99
C ASP D 54 12.04 7.70 -16.69
N ALA D 55 10.83 7.24 -17.01
CA ALA D 55 10.67 5.92 -17.62
C ALA D 55 11.34 5.85 -18.99
N HIS D 56 11.10 6.87 -19.83
CA HIS D 56 11.66 6.84 -21.17
C HIS D 56 13.19 6.93 -21.15
N GLN D 57 13.74 7.80 -20.30
CA GLN D 57 15.20 7.90 -20.24
C GLN D 57 15.81 6.65 -19.62
N ALA D 58 15.14 6.02 -18.65
CA ALA D 58 15.66 4.79 -18.08
C ALA D 58 15.67 3.67 -19.09
N ALA D 59 14.60 3.55 -19.89
CA ALA D 59 14.59 2.54 -20.95
C ALA D 59 15.66 2.83 -21.99
N ALA D 60 15.88 4.11 -22.31
CA ALA D 60 16.86 4.45 -23.34
C ALA D 60 18.29 4.23 -22.86
N SER D 61 18.55 4.37 -21.57
CA SER D 61 19.91 4.29 -21.05
C SER D 61 20.19 2.98 -20.33
N GLY D 62 19.27 2.01 -20.38
CA GLY D 62 19.49 0.74 -19.72
C GLY D 62 19.55 0.80 -18.21
N THR D 63 18.94 1.82 -17.61
CA THR D 63 18.87 1.96 -16.16
C THR D 63 17.42 1.85 -15.70
N SER D 64 17.23 1.94 -14.38
CA SER D 64 15.91 1.89 -13.77
C SER D 64 15.52 3.29 -13.30
N ALA D 65 14.27 3.66 -13.54
CA ALA D 65 13.80 4.99 -13.19
C ALA D 65 13.78 5.15 -11.67
N PRO D 66 14.13 6.33 -11.16
CA PRO D 66 14.10 6.54 -9.71
C PRO D 66 12.68 6.58 -9.17
N ALA D 67 12.55 6.27 -7.89
CA ALA D 67 11.26 6.30 -7.22
C ALA D 67 10.89 7.75 -6.91
N ARG D 68 9.78 8.21 -7.47
CA ARG D 68 9.30 9.57 -7.27
C ARG D 68 8.19 9.58 -6.23
N ARG D 69 8.32 10.47 -5.25
CA ARG D 69 7.35 10.57 -4.16
C ARG D 69 6.25 11.56 -4.53
N MET D 70 4.99 11.13 -4.36
CA MET D 70 3.85 11.99 -4.62
C MET D 70 3.86 13.23 -3.73
N GLU D 71 4.19 13.05 -2.45
CA GLU D 71 4.24 14.18 -1.53
C GLU D 71 5.27 15.21 -1.97
N THR D 72 6.39 14.78 -2.56
CA THR D 72 7.37 15.74 -3.06
C THR D 72 6.79 16.60 -4.18
N THR D 73 6.08 15.97 -5.11
CA THR D 73 5.43 16.72 -6.18
C THR D 73 4.44 17.73 -5.62
N GLU D 74 3.61 17.30 -4.66
CA GLU D 74 2.63 18.20 -4.07
C GLU D 74 3.30 19.37 -3.36
N HIS D 75 4.35 19.08 -2.57
CA HIS D 75 5.09 20.14 -1.90
C HIS D 75 5.65 21.14 -2.90
N ARG D 76 6.34 20.65 -3.94
CA ARG D 76 6.98 21.56 -4.89
C ARG D 76 5.95 22.41 -5.62
N VAL D 77 4.81 21.82 -6.00
CA VAL D 77 3.78 22.60 -6.69
C VAL D 77 3.18 23.65 -5.76
N ARG D 78 2.80 23.24 -4.55
CA ARG D 78 2.18 24.16 -3.61
C ARG D 78 3.13 25.26 -3.16
N SER D 79 4.44 25.08 -3.34
CA SER D 79 5.42 26.11 -3.02
C SER D 79 5.71 27.02 -4.20
N GLY D 80 5.08 26.78 -5.36
CA GLY D 80 5.38 27.55 -6.54
C GLY D 80 6.77 27.36 -7.08
N SER D 81 7.34 26.16 -6.89
CA SER D 81 8.72 25.90 -7.28
C SER D 81 8.85 25.15 -8.61
N VAL D 82 7.75 24.73 -9.21
CA VAL D 82 7.77 23.96 -10.45
C VAL D 82 7.48 24.90 -11.61
N HIS D 83 8.45 25.06 -12.50
CA HIS D 83 8.29 25.84 -13.72
C HIS D 83 8.07 24.88 -14.88
N LEU D 84 6.97 25.06 -15.60
CA LEU D 84 6.55 24.15 -16.66
C LEU D 84 6.47 24.90 -17.97
N LEU D 85 7.10 24.34 -19.01
CA LEU D 85 7.08 24.87 -20.36
C LEU D 85 6.01 24.12 -21.15
N ARG D 86 5.01 24.85 -21.62
CA ARG D 86 3.87 24.33 -22.36
C ARG D 86 3.97 24.74 -23.82
N HIS D 87 3.56 23.83 -24.70
CA HIS D 87 3.57 24.04 -26.14
C HIS D 87 2.35 23.35 -26.72
N ASP D 88 1.51 24.12 -27.43
CA ASP D 88 0.33 23.59 -28.09
C ASP D 88 -0.63 22.95 -27.10
N GLY D 89 -0.79 23.59 -25.94
CA GLY D 89 -1.69 23.10 -24.91
C GLY D 89 -1.15 22.01 -24.02
N ARG D 90 -0.04 21.36 -24.38
CA ARG D 90 0.46 20.23 -23.63
C ARG D 90 1.83 20.53 -23.03
N PRO D 91 2.14 19.95 -21.87
CA PRO D 91 3.45 20.20 -21.25
C PRO D 91 4.57 19.62 -22.11
N ALA D 92 5.56 20.46 -22.41
CA ALA D 92 6.74 20.01 -23.13
C ALA D 92 7.94 19.81 -22.24
N GLY D 93 8.08 20.62 -21.18
CA GLY D 93 9.22 20.44 -20.29
C GLY D 93 8.92 21.04 -18.94
N MET D 94 9.87 20.89 -18.01
CA MET D 94 9.72 21.49 -16.69
C MET D 94 11.01 21.34 -15.90
N PHE D 95 11.07 22.06 -14.79
CA PHE D 95 12.14 21.93 -13.80
C PHE D 95 11.61 22.42 -12.46
N THR D 96 12.37 22.13 -11.41
CA THR D 96 12.03 22.56 -10.05
C THR D 96 13.20 23.35 -9.50
N LEU D 97 12.92 24.55 -9.01
CA LEU D 97 13.94 25.47 -8.52
C LEU D 97 13.60 25.82 -7.08
N THR D 98 14.47 25.43 -6.15
CA THR D 98 14.20 25.63 -4.73
C THR D 98 15.40 26.28 -4.05
N TRP D 99 15.16 26.84 -2.87
CA TRP D 99 16.24 27.40 -2.08
C TRP D 99 16.87 26.38 -1.13
N ASP D 100 16.13 25.34 -0.76
CA ASP D 100 16.58 24.29 0.13
C ASP D 100 16.94 23.04 -0.67
N PRO D 101 17.94 22.28 -0.20
CA PRO D 101 18.45 21.15 -0.99
C PRO D 101 17.41 20.05 -1.09
N PRO D 102 17.09 19.60 -2.30
CA PRO D 102 16.22 18.42 -2.46
C PRO D 102 16.96 17.09 -2.35
N PHE D 103 18.26 17.12 -2.09
CA PHE D 103 19.06 15.92 -1.91
C PHE D 103 20.02 16.13 -0.75
N ALA D 104 20.62 15.04 -0.29
CA ALA D 104 21.55 15.07 0.84
C ALA D 104 22.97 15.07 0.29
N ALA D 105 23.75 16.08 0.66
CA ALA D 105 25.14 16.18 0.25
C ALA D 105 25.93 16.89 1.34
N ASP D 106 27.22 16.56 1.41
CA ASP D 106 28.09 17.18 2.40
C ASP D 106 28.21 18.68 2.13
N GLU D 107 28.31 19.46 3.22
CA GLU D 107 28.41 20.91 3.07
C GLU D 107 29.67 21.32 2.34
N GLY D 108 30.76 20.58 2.51
CA GLY D 108 32.01 20.86 1.85
C GLY D 108 32.12 20.34 0.42
N ALA D 109 31.04 19.81 -0.14
CA ALA D 109 31.09 19.29 -1.51
C ALA D 109 31.11 20.42 -2.53
N PHE D 110 30.06 21.25 -2.55
CA PHE D 110 29.96 22.34 -3.50
C PHE D 110 30.90 23.48 -3.12
N PRO D 111 31.30 24.31 -4.08
CA PRO D 111 32.07 25.51 -3.76
C PRO D 111 31.28 26.45 -2.87
N PRO D 112 31.96 27.34 -2.15
CA PRO D 112 31.24 28.27 -1.28
C PRO D 112 30.28 29.14 -2.08
N ALA D 113 29.09 29.37 -1.52
CA ALA D 113 28.07 30.19 -2.15
C ALA D 113 27.26 30.89 -1.08
N GLU D 114 26.82 32.12 -1.38
CA GLU D 114 26.07 32.91 -0.42
C GLU D 114 24.57 32.62 -0.50
N ARG D 115 24.01 32.64 -1.72
CA ARG D 115 22.60 32.33 -1.94
C ARG D 115 22.49 31.30 -3.06
N PRO D 116 22.78 30.03 -2.77
CA PRO D 116 22.68 29.00 -3.80
C PRO D 116 21.24 28.53 -3.99
N LEU D 117 20.90 28.27 -5.25
CA LEU D 117 19.63 27.66 -5.60
C LEU D 117 19.86 26.26 -6.12
N TYR D 118 18.83 25.43 -6.03
CA TYR D 118 18.91 24.02 -6.36
C TYR D 118 17.95 23.70 -7.49
N LEU D 119 18.49 23.07 -8.54
CA LEU D 119 17.72 22.60 -9.69
C LEU D 119 17.49 21.10 -9.55
N SER D 120 16.22 20.69 -9.65
CA SER D 120 15.86 19.29 -9.53
C SER D 120 14.73 18.98 -10.49
N ARG D 121 14.46 17.67 -10.65
CA ARG D 121 13.29 17.18 -11.39
C ARG D 121 13.18 17.82 -12.77
N LEU D 122 14.32 17.93 -13.45
CA LEU D 122 14.30 18.33 -14.86
C LEU D 122 13.66 17.22 -15.69
N ALA D 123 12.68 17.59 -16.50
CA ALA D 123 11.93 16.59 -17.26
C ALA D 123 11.52 17.18 -18.61
N VAL D 124 11.63 16.34 -19.64
CA VAL D 124 11.25 16.71 -21.00
C VAL D 124 10.27 15.67 -21.52
N ALA D 125 9.24 16.12 -22.23
CA ALA D 125 8.22 15.22 -22.74
C ALA D 125 8.86 14.17 -23.64
N PRO D 126 8.37 12.92 -23.60
CA PRO D 126 9.00 11.87 -24.41
C PRO D 126 9.05 12.19 -25.90
N GLU D 127 8.09 12.96 -26.41
CA GLU D 127 8.12 13.34 -27.82
C GLU D 127 9.31 14.24 -28.13
N TRP D 128 9.81 14.98 -27.13
CA TRP D 128 10.92 15.90 -27.32
C TRP D 128 12.26 15.31 -26.91
N LEU D 129 12.29 14.03 -26.52
CA LEU D 129 13.54 13.33 -26.26
C LEU D 129 14.02 12.69 -27.56
N THR D 130 14.63 13.53 -28.40
CA THR D 130 15.14 13.11 -29.69
C THR D 130 16.46 13.81 -29.96
N GLY D 131 17.35 13.11 -30.66
CA GLY D 131 18.65 13.67 -31.01
C GLY D 131 18.53 14.93 -31.84
N GLY D 132 18.80 16.08 -31.24
CA GLY D 132 18.69 17.36 -31.89
C GLY D 132 17.64 18.29 -31.29
N SER D 133 16.68 17.75 -30.55
CA SER D 133 15.68 18.58 -29.90
C SER D 133 16.32 19.45 -28.83
N LEU D 134 15.83 20.69 -28.70
CA LEU D 134 16.41 21.67 -27.79
C LEU D 134 15.46 22.05 -26.66
N VAL D 135 14.45 21.22 -26.39
CA VAL D 135 13.55 21.49 -25.27
C VAL D 135 14.28 21.41 -23.95
N GLY D 136 15.18 20.42 -23.80
CA GLY D 136 16.02 20.38 -22.62
C GLY D 136 16.88 21.62 -22.47
N LEU D 137 17.41 22.13 -23.59
CA LEU D 137 18.15 23.38 -23.55
C LEU D 137 17.25 24.54 -23.15
N ARG D 138 16.01 24.58 -23.65
CA ARG D 138 15.07 25.59 -23.21
C ARG D 138 14.89 25.55 -21.69
N CYS D 139 14.65 24.36 -21.15
CA CYS D 139 14.39 24.22 -19.72
C CYS D 139 15.61 24.62 -18.91
N LEU D 140 16.80 24.18 -19.32
CA LEU D 140 18.00 24.50 -18.56
C LEU D 140 18.31 25.99 -18.63
N ARG D 141 18.15 26.61 -19.80
CA ARG D 141 18.39 28.05 -19.90
C ARG D 141 17.39 28.83 -19.06
N ARG D 142 16.13 28.40 -19.05
CA ARG D 142 15.13 29.06 -18.21
C ARG D 142 15.47 28.91 -16.74
N ALA D 143 15.92 27.73 -16.33
CA ALA D 143 16.32 27.54 -14.93
C ALA D 143 17.50 28.43 -14.59
N ILE D 144 18.50 28.51 -15.47
CA ILE D 144 19.67 29.33 -15.22
C ILE D 144 19.28 30.81 -15.12
N GLU D 145 18.44 31.29 -16.03
CA GLU D 145 18.05 32.69 -16.00
C GLU D 145 17.19 33.00 -14.78
N THR D 146 16.25 32.12 -14.44
CA THR D 146 15.40 32.35 -13.28
C THR D 146 16.22 32.33 -11.99
N ALA D 147 17.24 31.47 -11.92
CA ALA D 147 18.08 31.43 -10.74
C ALA D 147 19.02 32.63 -10.68
N ALA D 148 19.47 33.13 -11.85
CA ALA D 148 20.27 34.35 -11.87
C ALA D 148 19.45 35.53 -11.37
N GLN D 149 18.23 35.65 -11.87
CA GLN D 149 17.25 36.56 -11.28
C GLN D 149 16.95 36.08 -9.85
N ALA D 150 16.28 36.94 -9.08
CA ALA D 150 15.95 36.67 -7.69
C ALA D 150 17.19 36.53 -6.80
N GLY D 151 18.36 36.93 -7.30
CA GLY D 151 19.56 36.99 -6.49
C GLY D 151 20.29 35.69 -6.26
N GLY D 152 20.17 34.72 -7.16
CA GLY D 152 20.84 33.45 -6.95
C GLY D 152 22.33 33.57 -7.15
N ASP D 153 23.09 32.90 -6.26
CA ASP D 153 24.54 32.91 -6.31
C ASP D 153 25.10 31.77 -7.12
N ALA D 154 24.46 30.61 -7.09
CA ALA D 154 24.91 29.44 -7.85
C ALA D 154 23.73 28.52 -8.08
N LEU D 155 23.88 27.63 -9.06
CA LEU D 155 22.86 26.64 -9.39
C LEU D 155 23.46 25.25 -9.16
N ARG D 156 22.95 24.56 -8.15
CA ARG D 156 23.39 23.21 -7.81
C ARG D 156 22.33 22.20 -8.23
N SER D 157 22.77 21.01 -8.60
CA SER D 157 21.84 20.01 -9.09
C SER D 157 22.42 18.62 -8.87
N GLU D 158 21.53 17.64 -8.82
CA GLU D 158 21.89 16.22 -8.80
C GLU D 158 21.56 15.62 -10.15
N ALA D 159 22.51 14.91 -10.74
CA ALA D 159 22.35 14.37 -12.08
C ALA D 159 22.69 12.89 -12.10
N ASN D 160 22.17 12.20 -13.12
CA ASN D 160 22.50 10.81 -13.38
C ASN D 160 23.55 10.76 -14.48
N PRO D 161 24.78 10.35 -14.20
CA PRO D 161 25.79 10.29 -15.27
C PRO D 161 25.49 9.27 -16.35
N ASP D 162 24.65 8.26 -16.05
CA ASP D 162 24.27 7.27 -17.06
C ASP D 162 23.24 7.79 -18.05
N LEU D 163 22.64 8.95 -17.79
CA LEU D 163 21.79 9.62 -18.77
C LEU D 163 22.71 10.49 -19.63
N SER D 164 23.22 9.91 -20.72
CA SER D 164 24.33 10.52 -21.45
C SER D 164 23.93 11.86 -22.07
N ALA D 165 22.74 11.94 -22.68
CA ALA D 165 22.32 13.18 -23.32
C ALA D 165 22.17 14.30 -22.29
N THR D 166 21.47 14.03 -21.20
CA THR D 166 21.28 15.03 -20.16
C THR D 166 22.60 15.44 -19.53
N ARG D 167 23.48 14.47 -19.28
CA ARG D 167 24.77 14.76 -18.68
C ARG D 167 25.61 15.64 -19.61
N SER D 168 25.62 15.33 -20.91
CA SER D 168 26.37 16.12 -21.87
C SER D 168 25.81 17.53 -21.95
N LEU D 169 24.49 17.67 -21.96
CA LEU D 169 23.88 19.00 -21.99
C LEU D 169 24.26 19.81 -20.75
N LEU D 170 24.24 19.18 -19.58
CA LEU D 170 24.64 19.88 -18.36
C LEU D 170 26.11 20.27 -18.41
N ASP D 171 26.96 19.42 -18.99
CA ASP D 171 28.38 19.73 -19.07
C ASP D 171 28.64 20.90 -20.01
N ILE D 172 27.94 20.95 -21.15
CA ILE D 172 28.15 22.03 -22.11
C ILE D 172 27.76 23.37 -21.50
N LEU D 173 26.73 23.39 -20.65
CA LEU D 173 26.24 24.64 -20.07
C LEU D 173 27.04 25.08 -18.85
N GLY D 174 28.08 24.37 -18.47
CA GLY D 174 28.96 24.82 -17.40
C GLY D 174 28.80 24.15 -16.05
N PHE D 175 28.04 23.07 -15.96
CA PHE D 175 27.85 22.38 -14.69
C PHE D 175 29.06 21.49 -14.41
N VAL D 176 29.78 21.76 -13.33
CA VAL D 176 30.97 21.03 -12.95
C VAL D 176 30.65 20.14 -11.77
N GLN D 177 31.14 18.90 -11.82
CA GLN D 177 30.90 17.95 -10.74
C GLN D 177 31.82 18.24 -9.56
N HIS D 178 31.26 18.14 -8.35
CA HIS D 178 32.01 18.33 -7.11
C HIS D 178 31.69 17.20 -6.16
N GLY D 179 32.70 16.39 -5.84
CA GLY D 179 32.52 15.24 -5.00
C GLY D 179 32.58 13.94 -5.79
N PRO D 180 32.65 12.81 -5.10
CA PRO D 180 32.71 11.52 -5.79
C PRO D 180 31.38 11.18 -6.46
N THR D 181 31.40 10.06 -7.19
CA THR D 181 30.18 9.51 -7.76
C THR D 181 29.56 8.55 -6.75
N LEU D 182 28.26 8.68 -6.52
CA LEU D 182 27.57 7.97 -5.46
C LEU D 182 26.67 6.88 -6.04
N SER D 183 26.67 5.73 -5.39
CA SER D 183 25.81 4.61 -5.75
C SER D 183 24.85 4.32 -4.60
N ASP D 184 23.63 3.92 -4.95
CA ASP D 184 22.61 3.59 -3.96
C ASP D 184 22.63 2.12 -3.56
N GLY D 185 23.68 1.39 -3.92
CA GLY D 185 23.78 -0.03 -3.65
C GLY D 185 22.97 -0.91 -4.58
N GLN D 186 22.05 -0.34 -5.36
CA GLN D 186 21.23 -1.10 -6.29
C GLN D 186 21.63 -0.91 -7.75
N GLY D 187 22.56 0.00 -8.03
CA GLY D 187 23.05 0.23 -9.38
C GLY D 187 22.81 1.61 -9.93
N ARG D 188 22.00 2.46 -9.28
CA ARG D 188 21.71 3.79 -9.80
C ARG D 188 22.77 4.77 -9.30
N ARG D 189 23.45 5.42 -10.22
CA ARG D 189 24.54 6.33 -9.90
C ARG D 189 24.05 7.77 -9.95
N ARG D 190 24.72 8.64 -9.21
CA ARG D 190 24.30 10.03 -9.14
C ARG D 190 25.49 10.89 -8.76
N VAL D 191 25.50 12.12 -9.28
CA VAL D 191 26.60 13.06 -9.10
C VAL D 191 26.04 14.44 -8.76
N HIS D 192 26.88 15.27 -8.14
CA HIS D 192 26.50 16.61 -7.69
C HIS D 192 27.22 17.65 -8.55
N LEU D 193 26.46 18.49 -9.23
CA LEU D 193 26.97 19.51 -10.15
C LEU D 193 26.70 20.90 -9.60
N HIS D 194 27.60 21.82 -9.96
CA HIS D 194 27.53 23.21 -9.55
C HIS D 194 27.85 24.09 -10.75
N LYS D 195 27.07 25.16 -10.92
CA LYS D 195 27.30 26.15 -11.96
C LYS D 195 27.24 27.54 -11.35
N SER D 196 28.28 28.33 -11.60
CA SER D 196 28.31 29.70 -11.09
C SER D 196 27.31 30.58 -11.84
N LEU D 197 26.69 31.50 -11.12
CA LEU D 197 25.63 32.33 -11.68
C LEU D 197 25.98 33.81 -11.55
N ARG D 198 25.49 34.59 -12.51
CA ARG D 198 25.49 36.06 -12.45
C ARG D 198 26.89 36.66 -12.36
N ALA E 34 15.92 -8.56 6.26
CA ALA E 34 15.19 -9.07 7.42
C ALA E 34 14.12 -8.06 7.86
N TRP E 35 14.58 -6.92 8.38
CA TRP E 35 13.70 -5.82 8.77
C TRP E 35 13.66 -4.81 7.64
N GLN E 36 12.48 -4.63 7.05
CA GLN E 36 12.32 -3.77 5.88
C GLN E 36 11.15 -2.82 6.09
N TRP E 37 11.37 -1.54 5.83
CA TRP E 37 10.32 -0.55 5.96
C TRP E 37 9.65 -0.32 4.61
N GLU E 38 8.38 0.07 4.65
CA GLU E 38 7.64 0.34 3.42
C GLU E 38 6.57 1.38 3.70
N VAL E 39 6.15 2.07 2.64
CA VAL E 39 4.93 2.87 2.69
C VAL E 39 3.77 1.95 2.37
N SER E 40 2.91 1.72 3.36
CA SER E 40 1.90 0.66 3.24
C SER E 40 0.83 1.03 2.22
N ARG E 41 0.45 0.03 1.41
CA ARG E 41 -0.62 0.18 0.43
C ARG E 41 -1.78 -0.77 0.72
N ASP E 42 -1.78 -1.45 1.86
CA ASP E 42 -2.75 -2.50 2.18
C ASP E 42 -3.57 -2.05 3.37
N THR E 43 -4.84 -1.73 3.14
CA THR E 43 -5.70 -1.26 4.21
C THR E 43 -5.99 -2.37 5.21
N GLY E 44 -6.34 -3.56 4.73
CA GLY E 44 -6.67 -4.66 5.63
C GLY E 44 -5.50 -5.09 6.49
N GLU E 45 -4.29 -5.13 5.91
CA GLU E 45 -3.10 -5.48 6.67
C GLU E 45 -2.88 -4.49 7.81
N VAL E 46 -2.94 -3.19 7.50
CA VAL E 46 -2.76 -2.15 8.51
C VAL E 46 -3.81 -2.26 9.60
N HIS E 47 -5.08 -2.44 9.21
CA HIS E 47 -6.16 -2.47 10.18
C HIS E 47 -6.04 -3.68 11.10
N ALA E 48 -5.70 -4.84 10.53
CA ALA E 48 -5.52 -6.04 11.35
C ALA E 48 -4.35 -5.87 12.32
N MET E 49 -3.24 -5.32 11.85
CA MET E 49 -2.11 -5.06 12.73
C MET E 49 -2.53 -4.15 13.89
N LEU E 50 -3.23 -3.06 13.57
CA LEU E 50 -3.64 -2.10 14.59
C LEU E 50 -4.56 -2.74 15.62
N CYS E 51 -5.56 -3.49 15.15
CA CYS E 51 -6.51 -4.08 16.09
C CYS E 51 -5.87 -5.17 16.95
N ALA E 52 -4.98 -5.98 16.36
CA ALA E 52 -4.29 -6.99 17.14
C ALA E 52 -3.42 -6.35 18.22
N CYS E 53 -2.69 -5.28 17.87
CA CYS E 53 -1.88 -4.59 18.86
C CYS E 53 -2.74 -3.97 19.95
N ASP E 54 -3.87 -3.36 19.56
CA ASP E 54 -4.77 -2.80 20.55
C ASP E 54 -5.26 -3.86 21.52
N ALA E 55 -5.63 -5.03 21.01
CA ALA E 55 -6.12 -6.10 21.88
C ALA E 55 -5.03 -6.56 22.83
N HIS E 56 -3.82 -6.77 22.32
CA HIS E 56 -2.73 -7.24 23.19
C HIS E 56 -2.40 -6.21 24.27
N GLN E 57 -2.33 -4.93 23.89
CA GLN E 57 -2.03 -3.90 24.88
C GLN E 57 -3.15 -3.75 25.90
N ALA E 58 -4.41 -3.88 25.47
CA ALA E 58 -5.52 -3.79 26.41
C ALA E 58 -5.50 -4.95 27.40
N ALA E 59 -5.15 -6.15 26.91
CA ALA E 59 -5.03 -7.28 27.82
C ALA E 59 -3.88 -7.09 28.80
N ALA E 60 -2.75 -6.56 28.33
CA ALA E 60 -1.58 -6.41 29.17
C ALA E 60 -1.67 -5.24 30.14
N SER E 61 -2.55 -4.28 29.88
CA SER E 61 -2.65 -3.08 30.71
C SER E 61 -3.99 -2.95 31.42
N GLY E 62 -4.87 -3.94 31.29
CA GLY E 62 -6.14 -3.91 31.99
C GLY E 62 -7.11 -2.85 31.51
N THR E 63 -6.96 -2.40 30.27
CA THR E 63 -7.85 -1.41 29.69
C THR E 63 -8.71 -2.05 28.61
N SER E 64 -9.56 -1.24 27.99
CA SER E 64 -10.35 -1.64 26.84
C SER E 64 -9.73 -1.02 25.59
N ALA E 65 -9.57 -1.83 24.55
CA ALA E 65 -8.94 -1.33 23.33
C ALA E 65 -9.85 -0.30 22.66
N PRO E 66 -9.28 0.73 22.04
CA PRO E 66 -10.10 1.76 21.41
C PRO E 66 -10.80 1.24 20.16
N ALA E 67 -11.90 1.91 19.82
CA ALA E 67 -12.66 1.57 18.62
C ALA E 67 -11.99 2.19 17.40
N ARG E 68 -11.48 1.34 16.52
CA ARG E 68 -10.76 1.80 15.33
C ARG E 68 -11.70 1.91 14.14
N ARG E 69 -11.53 2.97 13.37
CA ARG E 69 -12.43 3.30 12.28
C ARG E 69 -11.81 2.88 10.94
N MET E 70 -12.56 2.09 10.17
CA MET E 70 -12.05 1.56 8.91
C MET E 70 -11.77 2.69 7.92
N GLU E 71 -12.64 3.69 7.86
CA GLU E 71 -12.46 4.80 6.92
C GLU E 71 -11.17 5.57 7.24
N THR E 72 -10.84 5.70 8.52
CA THR E 72 -9.57 6.32 8.89
C THR E 72 -8.39 5.51 8.37
N THR E 73 -8.46 4.18 8.48
CA THR E 73 -7.39 3.33 7.96
C THR E 73 -7.24 3.52 6.46
N GLU E 74 -8.35 3.52 5.73
CA GLU E 74 -8.29 3.68 4.28
C GLU E 74 -7.71 5.05 3.92
N HIS E 75 -8.12 6.09 4.66
CA HIS E 75 -7.61 7.44 4.40
C HIS E 75 -6.11 7.51 4.65
N ARG E 76 -5.64 6.95 5.76
CA ARG E 76 -4.22 7.00 6.07
C ARG E 76 -3.39 6.22 5.06
N VAL E 77 -3.87 5.04 4.64
CA VAL E 77 -3.12 4.24 3.69
C VAL E 77 -3.09 4.93 2.33
N ARG E 78 -4.24 5.42 1.85
CA ARG E 78 -4.29 6.07 0.56
C ARG E 78 -3.56 7.41 0.55
N SER E 79 -3.29 7.99 1.71
CA SER E 79 -2.49 9.19 1.81
C SER E 79 -0.99 8.90 1.90
N GLY E 80 -0.59 7.64 1.92
CA GLY E 80 0.81 7.32 2.09
C GLY E 80 1.36 7.67 3.45
N SER E 81 0.49 7.78 4.46
CA SER E 81 0.90 8.21 5.79
C SER E 81 1.31 7.06 6.70
N VAL E 82 1.05 5.82 6.31
CA VAL E 82 1.31 4.65 7.14
C VAL E 82 2.63 4.04 6.72
N HIS E 83 3.60 4.04 7.63
CA HIS E 83 4.90 3.41 7.41
C HIS E 83 4.93 2.11 8.20
N LEU E 84 5.17 1.00 7.52
CA LEU E 84 5.06 -0.34 8.09
C LEU E 84 6.42 -1.03 8.06
N LEU E 85 6.82 -1.57 9.20
CA LEU E 85 8.04 -2.35 9.35
C LEU E 85 7.68 -3.83 9.28
N ARG E 86 8.23 -4.51 8.28
CA ARG E 86 7.96 -5.90 7.96
C ARG E 86 9.19 -6.74 8.29
N HIS E 87 8.96 -7.95 8.78
CA HIS E 87 10.05 -8.87 9.11
C HIS E 87 9.73 -10.23 8.53
N ASP E 88 10.56 -10.69 7.59
CA ASP E 88 10.36 -11.96 6.89
C ASP E 88 9.00 -11.99 6.20
N GLY E 89 8.59 -10.85 5.63
CA GLY E 89 7.33 -10.75 4.94
C GLY E 89 6.12 -10.50 5.81
N ARG E 90 6.24 -10.66 7.13
CA ARG E 90 5.14 -10.47 8.06
C ARG E 90 5.21 -9.10 8.72
N PRO E 91 4.06 -8.43 8.89
CA PRO E 91 4.07 -7.10 9.53
C PRO E 91 4.52 -7.19 10.98
N ALA E 92 5.56 -6.45 11.31
CA ALA E 92 6.08 -6.42 12.67
C ALA E 92 5.69 -5.17 13.44
N GLY E 93 5.66 -4.01 12.78
CA GLY E 93 5.26 -2.79 13.43
C GLY E 93 4.81 -1.77 12.40
N MET E 94 4.35 -0.62 12.88
CA MET E 94 3.94 0.45 11.97
C MET E 94 3.71 1.73 12.76
N PHE E 95 3.57 2.82 12.03
CA PHE E 95 3.11 4.08 12.60
C PHE E 95 2.44 4.90 11.48
N THR E 96 1.70 5.93 11.90
CA THR E 96 1.04 6.83 10.97
C THR E 96 1.56 8.24 11.21
N LEU E 97 2.04 8.88 10.15
CA LEU E 97 2.64 10.21 10.22
C LEU E 97 1.90 11.14 9.27
N THR E 98 1.25 12.17 9.81
CA THR E 98 0.46 13.08 9.00
C THR E 98 0.87 14.52 9.26
N TRP E 99 0.52 15.39 8.30
CA TRP E 99 0.71 16.82 8.47
C TRP E 99 -0.44 17.48 9.20
N ASP E 100 -1.64 16.89 9.14
CA ASP E 100 -2.89 17.29 9.77
C ASP E 100 -3.10 16.49 11.06
N PRO E 101 -3.77 17.08 12.05
CA PRO E 101 -3.97 16.39 13.32
C PRO E 101 -4.97 15.26 13.19
N PRO E 102 -4.57 14.03 13.50
CA PRO E 102 -5.51 12.90 13.49
C PRO E 102 -6.35 12.77 14.75
N PHE E 103 -6.34 13.79 15.61
CA PHE E 103 -7.13 13.79 16.83
C PHE E 103 -7.54 15.22 17.12
N ALA E 104 -8.44 15.37 18.09
CA ALA E 104 -9.00 16.68 18.45
C ALA E 104 -8.10 17.33 19.50
N ALA E 105 -7.51 18.46 19.13
CA ALA E 105 -6.63 19.20 20.05
C ALA E 105 -7.28 20.49 20.51
N PHE E 110 -0.09 21.95 22.87
CA PHE E 110 1.24 21.79 22.29
C PHE E 110 2.01 23.10 22.25
N PRO E 111 3.33 23.02 22.35
CA PRO E 111 4.17 24.21 22.12
C PRO E 111 4.05 24.67 20.69
N PRO E 112 4.30 25.97 20.42
CA PRO E 112 4.22 26.46 19.04
C PRO E 112 5.26 25.79 18.16
N ALA E 113 4.90 25.62 16.89
CA ALA E 113 5.76 24.93 15.94
C ALA E 113 5.56 25.51 14.54
N GLU E 114 6.62 25.47 13.75
CA GLU E 114 6.56 25.98 12.38
C GLU E 114 5.98 24.94 11.43
N ARG E 115 6.54 23.74 11.42
CA ARG E 115 6.07 22.63 10.58
C ARG E 115 5.95 21.37 11.41
N PRO E 116 4.93 21.29 12.26
CA PRO E 116 4.78 20.09 13.12
C PRO E 116 4.09 18.97 12.37
N LEU E 117 4.58 17.75 12.61
CA LEU E 117 3.92 16.53 12.13
C LEU E 117 3.31 15.79 13.31
N TYR E 118 2.37 14.91 12.99
CA TYR E 118 1.60 14.18 13.99
C TYR E 118 1.84 12.69 13.85
N LEU E 119 2.13 12.06 14.98
CA LEU E 119 2.32 10.61 15.08
C LEU E 119 1.09 9.97 15.71
N SER E 120 0.56 8.94 15.06
CA SER E 120 -0.61 8.24 15.57
C SER E 120 -0.51 6.77 15.19
N ARG E 121 -1.41 5.98 15.78
CA ARG E 121 -1.60 4.57 15.41
C ARG E 121 -0.29 3.79 15.41
N LEU E 122 0.55 4.06 16.41
CA LEU E 122 1.74 3.25 16.63
C LEU E 122 1.32 1.85 17.08
N ALA E 123 1.77 0.84 16.37
CA ALA E 123 1.32 -0.52 16.66
C ALA E 123 2.44 -1.51 16.40
N VAL E 124 2.54 -2.51 17.25
CA VAL E 124 3.50 -3.61 17.11
C VAL E 124 2.72 -4.92 17.18
N ALA E 125 3.05 -5.85 16.30
CA ALA E 125 2.38 -7.14 16.30
C ALA E 125 2.54 -7.80 17.68
N PRO E 126 1.50 -8.47 18.18
CA PRO E 126 1.59 -9.08 19.52
C PRO E 126 2.74 -10.07 19.69
N GLU E 127 3.20 -10.69 18.59
CA GLU E 127 4.30 -11.64 18.67
C GLU E 127 5.62 -10.97 19.01
N TRP E 128 5.72 -9.65 18.88
CA TRP E 128 6.91 -8.92 19.26
C TRP E 128 6.76 -8.17 20.57
N LEU E 129 5.58 -8.23 21.19
CA LEU E 129 5.33 -7.56 22.47
C LEU E 129 5.67 -8.47 23.65
N THR E 130 6.88 -9.00 23.65
CA THR E 130 7.33 -9.90 24.70
C THR E 130 8.76 -9.57 25.12
N LEU E 134 11.64 -3.66 21.64
CA LEU E 134 12.62 -3.25 20.63
C LEU E 134 11.95 -2.81 19.34
N VAL E 135 10.90 -3.53 18.94
CA VAL E 135 10.21 -3.20 17.69
C VAL E 135 9.51 -1.85 17.81
N GLY E 136 8.88 -1.60 18.96
CA GLY E 136 8.33 -0.27 19.19
C GLY E 136 9.40 0.81 19.16
N LEU E 137 10.59 0.48 19.67
CA LEU E 137 11.70 1.43 19.60
C LEU E 137 12.13 1.69 18.16
N ARG E 138 12.19 0.63 17.34
CA ARG E 138 12.49 0.80 15.92
C ARG E 138 11.47 1.70 15.25
N CYS E 139 10.18 1.46 15.53
CA CYS E 139 9.12 2.25 14.91
C CYS E 139 9.19 3.70 15.34
N LEU E 140 9.45 3.95 16.63
CA LEU E 140 9.49 5.32 17.12
C LEU E 140 10.70 6.06 16.57
N ARG E 141 11.86 5.39 16.50
CA ARG E 141 13.03 6.00 15.87
C ARG E 141 12.76 6.32 14.42
N ARG E 142 12.13 5.39 13.69
CA ARG E 142 11.79 5.62 12.29
C ARG E 142 10.86 6.81 12.15
N ALA E 143 9.87 6.93 13.05
CA ALA E 143 8.93 8.04 12.96
C ALA E 143 9.62 9.37 13.25
N ILE E 144 10.47 9.42 14.27
CA ILE E 144 11.20 10.65 14.59
C ILE E 144 12.06 11.07 13.41
N GLU E 145 12.81 10.12 12.84
CA GLU E 145 13.68 10.43 11.70
C GLU E 145 12.88 10.84 10.47
N THR E 146 11.76 10.18 10.20
CA THR E 146 10.94 10.54 9.05
C THR E 146 10.33 11.92 9.22
N ALA E 147 9.91 12.27 10.44
CA ALA E 147 9.35 13.59 10.67
C ALA E 147 10.41 14.68 10.55
N ALA E 148 11.63 14.38 10.99
CA ALA E 148 12.71 15.35 10.87
C ALA E 148 13.15 15.52 9.42
N GLN E 149 13.32 14.41 8.69
CA GLN E 149 13.75 14.46 7.30
C GLN E 149 12.71 15.11 6.39
N ALA E 150 11.45 15.18 6.83
CA ALA E 150 10.43 15.93 6.11
C ALA E 150 10.47 17.42 6.43
N GLY E 151 11.51 17.88 7.11
CA GLY E 151 11.63 19.27 7.50
C GLY E 151 10.82 19.67 8.70
N GLY E 152 10.33 18.71 9.49
CA GLY E 152 9.51 19.05 10.63
C GLY E 152 10.35 19.47 11.83
N ASP E 153 9.85 20.47 12.54
CA ASP E 153 10.50 20.97 13.75
C ASP E 153 9.93 20.36 15.03
N ALA E 154 8.79 19.68 14.94
CA ALA E 154 8.16 19.08 16.10
C ALA E 154 7.34 17.87 15.67
N LEU E 155 7.24 16.90 16.58
CA LEU E 155 6.39 15.73 16.41
C LEU E 155 5.42 15.68 17.58
N ARG E 156 4.12 15.76 17.26
CA ARG E 156 3.06 15.75 18.24
C ARG E 156 2.33 14.42 18.20
N SER E 157 1.86 13.98 19.36
CA SER E 157 1.19 12.69 19.44
C SER E 157 0.18 12.71 20.56
N GLU E 158 -0.82 11.83 20.47
CA GLU E 158 -1.78 11.62 21.54
C GLU E 158 -1.58 10.19 22.04
N ALA E 159 -1.32 10.06 23.34
CA ALA E 159 -0.95 8.78 23.91
C ALA E 159 -1.91 8.42 25.06
N ASN E 160 -1.97 7.12 25.34
CA ASN E 160 -2.75 6.64 26.48
C ASN E 160 -1.79 6.36 27.61
N PRO E 161 -1.80 7.16 28.68
CA PRO E 161 -0.82 6.94 29.77
C PRO E 161 -1.01 5.62 30.49
N ASP E 162 -2.17 4.98 30.36
CA ASP E 162 -2.41 3.68 30.96
C ASP E 162 -1.73 2.54 30.21
N LEU E 163 -1.23 2.79 28.99
CA LEU E 163 -0.36 1.84 28.29
C LEU E 163 1.06 2.14 28.76
N SER E 164 1.45 1.48 29.86
CA SER E 164 2.64 1.89 30.60
C SER E 164 3.92 1.71 29.78
N ALA E 165 4.07 0.56 29.09
CA ALA E 165 5.27 0.32 28.31
C ALA E 165 5.45 1.37 27.22
N THR E 166 4.39 1.63 26.46
CA THR E 166 4.46 2.65 25.40
C THR E 166 4.66 4.04 25.99
N ARG E 167 4.03 4.32 27.13
CA ARG E 167 4.19 5.63 27.76
C ARG E 167 5.64 5.87 28.15
N SER E 168 6.27 4.87 28.76
CA SER E 168 7.67 5.00 29.13
C SER E 168 8.58 5.07 27.90
N LEU E 169 8.27 4.30 26.86
CA LEU E 169 9.06 4.38 25.64
C LEU E 169 9.01 5.79 25.04
N LEU E 170 7.83 6.41 25.06
CA LEU E 170 7.71 7.78 24.58
C LEU E 170 8.44 8.74 25.50
N ASP E 171 8.40 8.50 26.81
CA ASP E 171 9.06 9.41 27.74
C ASP E 171 10.58 9.37 27.58
N ILE E 172 11.14 8.18 27.34
CA ILE E 172 12.60 8.05 27.24
C ILE E 172 13.13 8.76 26.01
N LEU E 173 12.37 8.74 24.91
CA LEU E 173 12.83 9.31 23.65
C LEU E 173 12.60 10.82 23.56
N GLY E 174 12.12 11.45 24.62
CA GLY E 174 12.01 12.89 24.68
C GLY E 174 10.64 13.48 24.47
N PHE E 175 9.58 12.66 24.45
CA PHE E 175 8.23 13.19 24.33
C PHE E 175 7.79 13.79 25.65
N VAL E 176 7.53 15.08 25.66
CA VAL E 176 7.14 15.81 26.86
C VAL E 176 5.64 16.08 26.82
N GLN E 177 4.96 15.82 27.94
CA GLN E 177 3.53 16.11 28.03
C GLN E 177 3.31 17.59 28.30
N HIS E 178 2.45 18.21 27.52
CA HIS E 178 2.06 19.62 27.69
C HIS E 178 0.55 19.66 27.91
N GLY E 179 0.13 19.75 29.17
CA GLY E 179 -1.27 19.81 29.50
C GLY E 179 -1.68 18.70 30.46
N PRO E 180 -2.89 18.80 30.98
CA PRO E 180 -3.39 17.77 31.91
C PRO E 180 -3.81 16.51 31.17
N THR E 181 -4.09 15.46 31.94
CA THR E 181 -4.62 14.23 31.39
C THR E 181 -6.12 14.38 31.16
N LEU E 182 -6.57 14.01 29.97
CA LEU E 182 -7.96 14.21 29.56
C LEU E 182 -8.68 12.87 29.47
N SER E 183 -9.96 12.86 29.87
CA SER E 183 -10.82 11.70 29.74
C SER E 183 -11.95 12.01 28.76
N ASP E 184 -12.37 10.97 28.04
CA ASP E 184 -13.37 11.12 26.98
C ASP E 184 -14.80 10.89 27.47
N GLY E 185 -15.02 10.81 28.78
CA GLY E 185 -16.33 10.56 29.34
C GLY E 185 -16.64 9.10 29.59
N GLN E 186 -16.04 8.19 28.82
CA GLN E 186 -16.24 6.76 29.03
C GLN E 186 -15.21 6.18 29.99
N GLY E 187 -14.04 6.80 30.10
CA GLY E 187 -13.01 6.33 30.99
C GLY E 187 -11.61 6.37 30.41
N ARG E 188 -11.52 6.40 29.08
CA ARG E 188 -10.23 6.43 28.41
C ARG E 188 -9.46 7.70 28.77
N ARG E 189 -8.20 7.53 29.14
CA ARG E 189 -7.30 8.64 29.41
C ARG E 189 -6.42 8.92 28.20
N ARG E 190 -6.07 10.19 28.02
CA ARG E 190 -5.20 10.58 26.93
C ARG E 190 -4.38 11.80 27.34
N VAL E 191 -3.14 11.84 26.85
CA VAL E 191 -2.24 12.96 27.06
C VAL E 191 -1.69 13.39 25.71
N HIS E 192 -1.33 14.67 25.61
CA HIS E 192 -0.78 15.24 24.39
C HIS E 192 0.72 15.44 24.58
N LEU E 193 1.50 14.71 23.79
CA LEU E 193 2.96 14.69 23.88
C LEU E 193 3.57 15.47 22.72
N HIS E 194 4.70 16.12 23.02
CA HIS E 194 5.43 16.92 22.05
C HIS E 194 6.91 16.57 22.14
N LYS E 195 7.55 16.35 20.99
CA LYS E 195 8.99 16.19 20.93
C LYS E 195 9.54 17.17 19.89
N SER E 196 10.43 18.05 20.33
CA SER E 196 11.09 18.96 19.40
C SER E 196 12.04 18.19 18.50
N LEU E 197 12.14 18.64 17.25
CA LEU E 197 12.92 17.96 16.24
C LEU E 197 14.00 18.88 15.69
N ARG E 198 15.09 18.28 15.20
CA ARG E 198 16.07 18.99 14.42
C ARG E 198 15.86 18.65 12.96
N PRO E 199 15.40 19.59 12.12
CA PRO E 199 15.26 19.29 10.69
C PRO E 199 16.60 18.91 10.09
N ALA E 200 16.57 17.89 9.24
CA ALA E 200 17.77 17.35 8.61
C ALA E 200 17.55 17.19 7.12
N SER E 201 18.65 16.93 6.41
CA SER E 201 18.60 16.67 4.98
C SER E 201 17.76 15.41 4.71
N PRO E 202 17.17 15.30 3.52
CA PRO E 202 16.31 14.14 3.23
C PRO E 202 16.98 12.79 3.49
N GLY E 203 18.15 12.55 2.90
CA GLY E 203 18.86 11.30 3.10
C GLY E 203 18.09 10.08 2.64
N GLU E 207 17.46 12.43 -4.54
CA GLU E 207 16.35 13.18 -5.12
C GLU E 207 15.19 12.27 -5.48
N ASP E 208 13.99 12.64 -5.02
CA ASP E 208 12.78 11.89 -5.35
C ASP E 208 11.74 12.82 -5.99
N ALA F 34 11.45 10.14 39.42
CA ALA F 34 11.54 8.78 39.94
C ALA F 34 12.80 8.09 39.42
N TRP F 35 13.23 8.47 38.22
CA TRP F 35 14.46 7.98 37.61
C TRP F 35 15.52 9.07 37.73
N GLN F 36 16.60 8.79 38.45
CA GLN F 36 17.63 9.77 38.75
C GLN F 36 18.99 9.25 38.31
N TRP F 37 19.75 10.08 37.60
CA TRP F 37 21.11 9.74 37.23
C TRP F 37 22.10 10.37 38.20
N GLU F 38 23.25 9.72 38.36
CA GLU F 38 24.27 10.21 39.27
C GLU F 38 25.64 9.78 38.78
N VAL F 39 26.64 10.60 39.09
CA VAL F 39 28.03 10.19 38.96
C VAL F 39 28.37 9.41 40.22
N SER F 40 28.56 8.10 40.08
CA SER F 40 28.60 7.21 41.23
C SER F 40 29.83 7.46 42.09
N ARG F 41 29.64 7.35 43.42
CA ARG F 41 30.73 7.39 44.38
C ARG F 41 30.88 6.10 45.18
N ASP F 42 29.91 5.18 45.09
CA ASP F 42 29.90 3.96 45.88
C ASP F 42 30.51 2.84 45.05
N THR F 43 31.75 2.46 45.36
CA THR F 43 32.42 1.40 44.61
C THR F 43 31.83 0.04 44.92
N GLY F 44 31.53 -0.22 46.20
CA GLY F 44 30.94 -1.50 46.57
C GLY F 44 29.61 -1.74 45.90
N GLU F 45 28.75 -0.72 45.85
CA GLU F 45 27.45 -0.88 45.22
C GLU F 45 27.58 -1.09 43.72
N VAL F 46 28.46 -0.33 43.06
CA VAL F 46 28.69 -0.50 41.63
C VAL F 46 29.17 -1.92 41.33
N HIS F 47 30.15 -2.40 42.11
CA HIS F 47 30.69 -3.73 41.87
C HIS F 47 29.65 -4.81 42.15
N ALA F 48 28.83 -4.61 43.19
CA ALA F 48 27.79 -5.58 43.52
C ALA F 48 26.78 -5.68 42.39
N MET F 49 26.30 -4.53 41.89
CA MET F 49 25.37 -4.56 40.78
C MET F 49 25.99 -5.19 39.54
N LEU F 50 27.25 -4.84 39.24
CA LEU F 50 27.90 -5.39 38.06
C LEU F 50 28.02 -6.90 38.15
N CYS F 51 28.42 -7.42 39.31
CA CYS F 51 28.59 -8.86 39.44
C CYS F 51 27.25 -9.60 39.43
N ALA F 52 26.24 -9.04 40.11
CA ALA F 52 24.92 -9.68 40.08
C ALA F 52 24.36 -9.67 38.66
N CYS F 53 24.55 -8.57 37.93
CA CYS F 53 24.05 -8.46 36.58
C CYS F 53 24.79 -9.41 35.64
N ASP F 54 26.11 -9.55 35.81
CA ASP F 54 26.87 -10.52 35.01
C ASP F 54 26.42 -11.95 35.31
N ALA F 55 26.16 -12.25 36.58
CA ALA F 55 25.70 -13.59 36.93
C ALA F 55 24.33 -13.88 36.31
N HIS F 56 23.43 -12.90 36.32
CA HIS F 56 22.14 -13.10 35.67
C HIS F 56 22.30 -13.28 34.16
N GLN F 57 23.03 -12.37 33.52
CA GLN F 57 23.14 -12.40 32.06
C GLN F 57 23.89 -13.63 31.56
N ALA F 58 24.75 -14.20 32.41
CA ALA F 58 25.45 -15.43 32.01
C ALA F 58 24.47 -16.59 31.87
N ALA F 59 23.49 -16.67 32.77
CA ALA F 59 22.46 -17.71 32.74
C ALA F 59 23.05 -19.11 32.73
N SER F 64 29.12 -18.04 30.80
CA SER F 64 29.79 -17.82 32.07
C SER F 64 30.12 -16.34 32.27
N ALA F 65 29.92 -15.87 33.49
CA ALA F 65 30.16 -14.46 33.78
C ALA F 65 31.66 -14.15 33.75
N PRO F 66 32.06 -12.99 33.25
CA PRO F 66 33.48 -12.63 33.23
C PRO F 66 33.99 -12.29 34.63
N ALA F 67 35.29 -12.43 34.79
CA ALA F 67 35.95 -12.12 36.06
C ALA F 67 36.12 -10.60 36.18
N ARG F 68 35.48 -10.01 37.19
CA ARG F 68 35.52 -8.57 37.39
C ARG F 68 36.60 -8.22 38.41
N ARG F 69 37.32 -7.13 38.14
CA ARG F 69 38.42 -6.68 38.98
C ARG F 69 37.94 -5.50 39.82
N MET F 70 38.05 -5.64 41.14
CA MET F 70 37.59 -4.57 42.03
C MET F 70 38.46 -3.32 41.93
N GLU F 71 39.73 -3.48 41.56
CA GLU F 71 40.61 -2.33 41.41
C GLU F 71 40.17 -1.45 40.25
N THR F 72 39.79 -2.07 39.13
CA THR F 72 39.25 -1.29 38.02
C THR F 72 37.98 -0.56 38.42
N THR F 73 37.13 -1.21 39.21
CA THR F 73 35.92 -0.54 39.70
C THR F 73 36.28 0.67 40.55
N GLU F 74 37.22 0.51 41.49
CA GLU F 74 37.64 1.62 42.32
C GLU F 74 38.19 2.77 41.47
N HIS F 75 39.00 2.44 40.46
CA HIS F 75 39.57 3.48 39.60
C HIS F 75 38.50 4.20 38.80
N ARG F 76 37.56 3.46 38.22
CA ARG F 76 36.52 4.09 37.40
C ARG F 76 35.61 4.97 38.26
N VAL F 77 35.19 4.48 39.42
CA VAL F 77 34.32 5.28 40.28
C VAL F 77 35.06 6.49 40.81
N ARG F 78 36.36 6.34 41.10
CA ARG F 78 37.16 7.45 41.62
C ARG F 78 37.34 8.55 40.57
N SER F 79 37.39 8.18 39.29
CA SER F 79 37.54 9.16 38.22
C SER F 79 36.21 9.78 37.80
N GLY F 80 35.10 9.38 38.40
CA GLY F 80 33.80 9.89 37.99
C GLY F 80 33.35 9.41 36.64
N SER F 81 33.76 8.19 36.24
CA SER F 81 33.43 7.65 34.93
C SER F 81 32.24 6.70 34.96
N VAL F 82 31.70 6.39 36.13
CA VAL F 82 30.60 5.44 36.26
C VAL F 82 29.31 6.24 36.50
N HIS F 83 28.38 6.15 35.54
CA HIS F 83 27.08 6.80 35.65
C HIS F 83 26.04 5.78 36.03
N LEU F 84 25.30 6.05 37.11
CA LEU F 84 24.37 5.10 37.69
C LEU F 84 22.96 5.70 37.72
N LEU F 85 21.98 4.88 37.36
CA LEU F 85 20.57 5.26 37.27
C LEU F 85 19.79 4.54 38.35
N ARG F 86 19.19 5.32 39.26
CA ARG F 86 18.36 4.83 40.35
C ARG F 86 16.90 5.05 40.05
N HIS F 87 16.06 4.17 40.61
CA HIS F 87 14.61 4.30 40.56
C HIS F 87 14.09 4.19 41.98
N ASP F 88 13.51 5.29 42.48
CA ASP F 88 13.00 5.35 43.86
C ASP F 88 14.10 4.99 44.86
N GLY F 89 15.31 5.44 44.58
CA GLY F 89 16.42 5.20 45.48
C GLY F 89 17.14 3.90 45.16
N ARG F 90 16.40 2.90 44.69
CA ARG F 90 17.02 1.63 44.35
C ARG F 90 17.73 1.73 43.00
N PRO F 91 18.98 1.31 42.91
CA PRO F 91 19.73 1.45 41.65
C PRO F 91 19.20 0.48 40.60
N ALA F 92 18.93 1.01 39.41
CA ALA F 92 18.35 0.23 38.32
C ALA F 92 19.33 -0.11 37.21
N GLY F 93 20.24 0.79 36.87
CA GLY F 93 21.20 0.50 35.82
C GLY F 93 22.44 1.34 35.99
N MET F 94 23.39 1.16 35.06
CA MET F 94 24.61 1.95 35.06
C MET F 94 25.43 1.64 33.83
N PHE F 95 26.47 2.46 33.62
CA PHE F 95 27.47 2.22 32.59
C PHE F 95 28.75 2.95 32.99
N THR F 96 29.84 2.63 32.28
CA THR F 96 31.12 3.27 32.49
C THR F 96 31.56 3.92 31.19
N LEU F 97 31.90 5.20 31.25
CA LEU F 97 32.29 5.98 30.08
C LEU F 97 33.69 6.54 30.31
N THR F 98 34.63 6.11 29.48
CA THR F 98 36.04 6.47 29.69
C THR F 98 36.65 7.04 28.42
N TRP F 99 37.77 7.75 28.60
CA TRP F 99 38.55 8.23 27.47
C TRP F 99 39.59 7.20 27.00
N ASP F 100 39.98 6.26 27.87
CA ASP F 100 40.94 5.20 27.59
C ASP F 100 40.22 3.90 27.21
N PRO F 101 40.82 3.11 26.34
CA PRO F 101 40.19 1.83 25.95
C PRO F 101 40.22 0.84 27.10
N PRO F 102 39.06 0.33 27.53
CA PRO F 102 39.02 -0.70 28.56
C PRO F 102 39.20 -2.12 28.03
N PHE F 103 39.57 -2.29 26.77
CA PHE F 103 39.76 -3.60 26.17
C PHE F 103 40.91 -3.54 25.18
N ALA F 104 41.37 -4.71 24.76
CA ALA F 104 42.51 -4.84 23.85
C ALA F 104 41.98 -5.11 22.45
N ALA F 105 41.98 -4.07 21.61
CA ALA F 105 41.52 -4.17 20.24
C ALA F 105 42.69 -3.98 19.27
N ASP F 106 42.62 -4.67 18.14
CA ASP F 106 43.63 -4.54 17.10
C ASP F 106 43.44 -3.26 16.31
N GLU F 107 44.42 -2.94 15.47
CA GLU F 107 44.35 -1.73 14.66
C GLU F 107 43.30 -1.89 13.56
N GLY F 108 42.62 -0.80 13.25
CA GLY F 108 41.58 -0.86 12.24
C GLY F 108 40.28 -1.46 12.71
N ALA F 109 40.17 -1.83 13.99
CA ALA F 109 38.93 -2.40 14.51
C ALA F 109 37.81 -1.37 14.60
N PHE F 110 38.14 -0.08 14.53
CA PHE F 110 37.18 0.99 14.55
C PHE F 110 37.48 1.99 13.44
N PRO F 111 36.46 2.67 12.92
CA PRO F 111 36.70 3.76 11.97
C PRO F 111 37.43 4.91 12.63
N PRO F 112 38.10 5.76 11.86
CA PRO F 112 38.90 6.83 12.47
C PRO F 112 38.04 7.80 13.26
N ALA F 113 38.58 8.26 14.38
CA ALA F 113 37.88 9.21 15.25
C ALA F 113 38.89 10.12 15.91
N GLU F 114 38.49 11.38 16.13
CA GLU F 114 39.38 12.38 16.73
C GLU F 114 39.38 12.32 18.25
N ARG F 115 38.20 12.25 18.86
CA ARG F 115 38.06 12.15 20.31
C ARG F 115 37.06 11.05 20.64
N PRO F 116 37.45 9.80 20.51
CA PRO F 116 36.53 8.70 20.82
C PRO F 116 36.42 8.45 22.32
N LEU F 117 35.21 8.13 22.76
CA LEU F 117 34.97 7.65 24.11
C LEU F 117 34.61 6.17 24.05
N TYR F 118 34.74 5.51 25.21
CA TYR F 118 34.55 4.07 25.30
C TYR F 118 33.49 3.75 26.34
N LEU F 119 32.53 2.92 25.94
CA LEU F 119 31.45 2.45 26.80
C LEU F 119 31.77 1.04 27.27
N SER F 120 31.68 0.82 28.58
CA SER F 120 31.98 -0.49 29.15
C SER F 120 31.06 -0.72 30.35
N ARG F 121 31.06 -1.97 30.81
CA ARG F 121 30.40 -2.35 32.06
C ARG F 121 28.94 -1.90 32.09
N LEU F 122 28.24 -2.10 30.97
CA LEU F 122 26.82 -1.83 30.92
C LEU F 122 26.08 -2.86 31.77
N ALA F 123 25.26 -2.40 32.70
CA ALA F 123 24.60 -3.30 33.63
C ALA F 123 23.20 -2.79 33.95
N VAL F 124 22.25 -3.72 34.12
CA VAL F 124 20.85 -3.41 34.30
C VAL F 124 20.29 -4.36 35.35
N ALA F 125 19.86 -3.78 36.49
CA ALA F 125 19.47 -4.55 37.67
C ALA F 125 18.60 -5.74 37.27
N PRO F 126 18.85 -6.93 37.83
CA PRO F 126 18.13 -8.13 37.37
C PRO F 126 16.62 -8.03 37.48
N GLU F 127 16.10 -7.34 38.52
CA GLU F 127 14.67 -7.15 38.64
C GLU F 127 14.10 -6.36 37.46
N TRP F 128 14.93 -5.59 36.76
CA TRP F 128 14.50 -4.79 35.64
C TRP F 128 14.64 -5.50 34.30
N LEU F 129 15.07 -6.76 34.28
CA LEU F 129 15.13 -7.52 33.03
C LEU F 129 13.81 -8.26 32.79
N THR F 130 12.76 -7.47 32.67
CA THR F 130 11.41 -7.98 32.47
C THR F 130 10.92 -7.67 31.05
N SER F 133 12.87 -5.11 29.49
CA SER F 133 12.35 -3.76 29.67
C SER F 133 13.16 -2.75 28.86
N LEU F 134 13.16 -1.50 29.31
CA LEU F 134 13.82 -0.42 28.59
C LEU F 134 14.88 0.29 29.44
N VAL F 135 15.32 -0.36 30.52
CA VAL F 135 16.35 0.26 31.37
C VAL F 135 17.68 0.33 30.62
N GLY F 136 17.99 -0.72 29.85
CA GLY F 136 19.15 -0.66 28.98
C GLY F 136 19.05 0.45 27.94
N LEU F 137 17.82 0.72 27.46
CA LEU F 137 17.62 1.86 26.57
C LEU F 137 17.97 3.17 27.26
N ARG F 138 17.50 3.34 28.50
CA ARG F 138 17.84 4.52 29.28
C ARG F 138 19.34 4.67 29.43
N CYS F 139 20.02 3.57 29.78
CA CYS F 139 21.46 3.63 30.00
C CYS F 139 22.21 3.97 28.72
N LEU F 140 21.82 3.35 27.60
CA LEU F 140 22.53 3.59 26.35
C LEU F 140 22.27 4.99 25.80
N ARG F 141 21.03 5.47 25.92
CA ARG F 141 20.75 6.85 25.56
C ARG F 141 21.58 7.81 26.40
N ARG F 142 21.59 7.60 27.72
CA ARG F 142 22.39 8.45 28.60
C ARG F 142 23.87 8.42 28.22
N ALA F 143 24.38 7.23 27.87
CA ALA F 143 25.79 7.11 27.50
C ALA F 143 26.09 7.88 26.22
N ILE F 144 25.25 7.72 25.19
CA ILE F 144 25.46 8.42 23.93
C ILE F 144 25.45 9.93 24.14
N GLU F 145 24.48 10.42 24.91
CA GLU F 145 24.33 11.85 25.09
C GLU F 145 25.43 12.42 26.00
N THR F 146 25.87 11.65 27.00
CA THR F 146 26.98 12.08 27.83
C THR F 146 28.27 12.14 27.04
N ALA F 147 28.49 11.18 26.14
CA ALA F 147 29.69 11.20 25.30
C ALA F 147 29.64 12.36 24.31
N ALA F 148 28.45 12.67 23.80
CA ALA F 148 28.32 13.81 22.89
C ALA F 148 28.59 15.12 23.61
N GLN F 149 28.06 15.28 24.84
CA GLN F 149 28.29 16.51 25.59
C GLN F 149 29.76 16.66 25.98
N ALA F 150 30.50 15.56 26.11
CA ALA F 150 31.92 15.61 26.42
C ALA F 150 32.77 15.93 25.20
N GLY F 151 32.16 16.29 24.07
CA GLY F 151 32.89 16.61 22.87
C GLY F 151 33.36 15.44 22.05
N GLY F 152 32.85 14.23 22.32
CA GLY F 152 33.29 13.07 21.58
C GLY F 152 32.60 12.97 20.23
N ASP F 153 33.36 12.52 19.23
CA ASP F 153 32.85 12.31 17.88
C ASP F 153 32.46 10.86 17.61
N ALA F 154 32.78 9.94 18.51
CA ALA F 154 32.44 8.53 18.32
C ALA F 154 32.39 7.85 19.68
N LEU F 155 31.55 6.81 19.76
CA LEU F 155 31.41 5.98 20.95
C LEU F 155 31.74 4.55 20.56
N ARG F 156 32.83 4.02 21.11
CA ARG F 156 33.28 2.67 20.82
C ARG F 156 32.99 1.77 22.02
N SER F 157 32.74 0.49 21.73
CA SER F 157 32.41 -0.44 22.81
C SER F 157 32.74 -1.86 22.36
N GLU F 158 32.95 -2.73 23.35
CA GLU F 158 33.08 -4.16 23.14
C GLU F 158 31.85 -4.83 23.69
N ALA F 159 31.16 -5.60 22.84
CA ALA F 159 29.88 -6.19 23.21
C ALA F 159 29.92 -7.70 23.04
N ASN F 160 29.06 -8.38 23.79
CA ASN F 160 28.88 -9.81 23.66
C ASN F 160 27.68 -10.07 22.77
N PRO F 161 27.86 -10.66 21.58
CA PRO F 161 26.71 -10.95 20.72
C PRO F 161 25.77 -11.99 21.29
N ASP F 162 26.18 -12.74 22.31
CA ASP F 162 25.29 -13.70 22.95
C ASP F 162 24.24 -13.03 23.83
N LEU F 163 24.46 -11.78 24.23
CA LEU F 163 23.41 -10.97 24.85
C LEU F 163 22.55 -10.42 23.72
N SER F 164 21.61 -11.25 23.26
CA SER F 164 20.85 -10.95 22.05
C SER F 164 20.05 -9.65 22.20
N ALA F 165 19.41 -9.46 23.36
CA ALA F 165 18.65 -8.23 23.57
C ALA F 165 19.55 -7.00 23.51
N THR F 166 20.68 -7.04 24.23
CA THR F 166 21.61 -5.91 24.23
C THR F 166 22.23 -5.71 22.86
N ARG F 167 22.54 -6.80 22.15
CA ARG F 167 23.13 -6.67 20.82
C ARG F 167 22.16 -6.01 19.84
N SER F 168 20.89 -6.45 19.86
CA SER F 168 19.89 -5.82 19.00
C SER F 168 19.66 -4.37 19.39
N LEU F 169 19.65 -4.07 20.70
CA LEU F 169 19.49 -2.69 21.15
C LEU F 169 20.64 -1.82 20.65
N LEU F 170 21.86 -2.34 20.69
CA LEU F 170 23.00 -1.58 20.16
C LEU F 170 22.89 -1.39 18.66
N ASP F 171 22.46 -2.41 17.93
CA ASP F 171 22.31 -2.29 16.49
C ASP F 171 21.25 -1.26 16.12
N ILE F 172 20.15 -1.22 16.88
CA ILE F 172 19.06 -0.30 16.57
C ILE F 172 19.48 1.14 16.83
N LEU F 173 20.29 1.36 17.86
CA LEU F 173 20.72 2.71 18.22
C LEU F 173 21.85 3.24 17.35
N GLY F 174 22.28 2.50 16.34
CA GLY F 174 23.26 2.99 15.38
C GLY F 174 24.67 2.48 15.57
N PHE F 175 24.91 1.56 16.51
CA PHE F 175 26.23 1.00 16.70
C PHE F 175 26.56 0.04 15.56
N VAL F 176 27.61 0.36 14.80
CA VAL F 176 28.01 -0.40 13.63
C VAL F 176 29.22 -1.25 13.98
N GLN F 177 29.18 -2.53 13.59
CA GLN F 177 30.34 -3.40 13.71
C GLN F 177 31.27 -3.17 12.52
N HIS F 178 32.56 -2.97 12.80
CA HIS F 178 33.55 -2.67 11.78
C HIS F 178 34.34 -3.89 11.33
N GLY F 179 34.77 -4.73 12.27
CA GLY F 179 35.56 -5.90 11.94
C GLY F 179 34.82 -7.19 12.15
N PRO F 180 35.48 -8.33 11.89
CA PRO F 180 34.82 -9.63 12.07
C PRO F 180 34.63 -9.96 13.54
N THR F 181 33.87 -11.03 13.77
CA THR F 181 33.61 -11.50 15.12
C THR F 181 34.79 -12.31 15.64
N LEU F 182 35.17 -12.04 16.89
CA LEU F 182 36.31 -12.67 17.53
C LEU F 182 35.85 -13.63 18.63
N SER F 183 36.56 -14.74 18.78
CA SER F 183 36.23 -15.73 19.80
C SER F 183 37.33 -15.82 20.86
N ARG F 189 32.85 -14.98 23.08
CA ARG F 189 32.66 -14.30 21.80
C ARG F 189 32.43 -12.80 22.03
N ARG F 190 32.89 -11.97 21.10
CA ARG F 190 32.83 -10.52 21.28
C ARG F 190 32.87 -9.85 19.92
N VAL F 191 32.33 -8.62 19.88
CA VAL F 191 32.38 -7.78 18.70
C VAL F 191 32.73 -6.36 19.13
N HIS F 192 33.33 -5.61 18.21
CA HIS F 192 33.73 -4.22 18.44
C HIS F 192 32.78 -3.31 17.68
N LEU F 193 32.05 -2.48 18.41
CA LEU F 193 31.00 -1.63 17.85
C LEU F 193 31.41 -0.17 17.94
N HIS F 194 30.95 0.61 16.95
CA HIS F 194 31.22 2.04 16.86
C HIS F 194 29.94 2.75 16.50
N LYS F 195 29.65 3.84 17.20
CA LYS F 195 28.49 4.69 16.89
C LYS F 195 28.97 6.12 16.70
N SER F 196 28.58 6.73 15.58
CA SER F 196 28.94 8.11 15.32
C SER F 196 28.20 9.04 16.29
N LEU F 197 28.89 10.10 16.70
CA LEU F 197 28.34 11.10 17.61
C LEU F 197 28.42 12.47 16.96
N ARG F 198 27.89 13.48 17.66
CA ARG F 198 28.01 14.87 17.23
C ARG F 198 28.24 15.74 18.46
N PRO F 199 29.47 16.20 18.69
CA PRO F 199 29.91 17.04 19.82
C PRO F 199 29.09 18.30 20.00
#